data_9DLF
#
_entry.id   9DLF
#
_cell.length_a   1.00
_cell.length_b   1.00
_cell.length_c   1.00
_cell.angle_alpha   90.00
_cell.angle_beta   90.00
_cell.angle_gamma   90.00
#
_symmetry.space_group_name_H-M   'P 1'
#
loop_
_entity.id
_entity.type
_entity.pdbx_description
1 polymer 'Arabinosyltransferase AftB'
2 polymer 'Fab_B3 light chain'
3 polymer 'Fab_B3 heavy chain'
4 non-polymer '[(2~{R})-1-[2-azanylethoxy(oxidanyl)phosphoryl]oxy-3-hexadecanoyloxy-propan-2-yl] (~{Z})-octadec-9-enoate'
#
loop_
_entity_poly.entity_id
_entity_poly.type
_entity_poly.pdbx_seq_one_letter_code
_entity_poly.pdbx_strand_id
1 'polypeptide(L)'
;MPQSSSADRLSRPFTEAAATRLNRWPAFPYHVWVRVSLWVSVVTVAALFGWGAWQRRWIADDGLIVLRTVRNLLAGNGPV
FNAGERVEANTSTVWSYLVTLGGFVAGSARLEYVALVLALTLSVLGVVLVMFGTARLYAPGLTGRRAVFLPAGALVYIAI
PPARDFATSGLENGLVLAYLGLLWWMMVCWSQGLRRPDGERTSRGFDATLAVVAGMSVLVRPELALIGGLALVMMLVAAP
TWRRRLALVVVGGLIPVAYQIFRMGYYGLLVPGTALAKDASGAKWDQGLVYLANFNQPYLLWAPAVLLIGLGLMVLLLRG
RPSWGDRGARKESGWIARTVQSPPAVVAFMLISGLLQAVYWIRQGGDFMHGRVLLTPLFCLLAPVAVIPLLLPDRSRMAR
GAGYLYAGATAVLWLAVAGWALWAANSPGMGADATRVTYSGIVDERRFYSQATGHAHPLTAADYLDYPRMRAVLTAIENT
PDGALLLPSGDYDRWDVVPALPPPPDVRAAAVGGYVGPHTVFFTNLGMLGMNVGLDVRVIDQIGLANPLAAHTARLTDGR
IGHDKNLFPDWAVAEGPFLKEPPWIPQYLDEDWIRQAEAALKCPETDKVLDAIRAPMGFRRFLSNVMHAAEYTRYRIDRV
PLYELARCGLPVPEPVDPPYTGLPPTGPA
;
C
2 'polypeptide(L)'
;DIQMTQSPSSLSASVGDRVTITCRASQSVSSSAVAWYQQKPGKAPKLLIYSASSLYSGVPSRFSGSRSGTDFTLTISSLQ
PEDFATYYCQQSPPYGPITFGQGTKVELK
;
A
3 'polypeptide(L)'
;EVQLVESGGGLVQPGGSLRLSCAASGFNVSSSYIHWVRQAPGKGLEWVASISSYYGYTSYADSVKGRFTISADTSKNTAY
LQMNSLRAEDTAVYYCARGYMYSHWVYSYGAIDYWGQGTLVTVSSA
;
B
#
# COMPACT_ATOMS: atom_id res chain seq x y z
N PRO A 29 -14.96 10.10 45.85
CA PRO A 29 -15.25 9.96 47.28
C PRO A 29 -14.00 9.77 48.12
N TYR A 30 -13.11 10.75 48.11
CA TYR A 30 -11.87 10.69 48.87
C TYR A 30 -11.53 12.10 49.33
N HIS A 31 -10.27 12.30 49.72
CA HIS A 31 -9.87 13.53 50.40
C HIS A 31 -9.79 14.68 49.40
N VAL A 32 -9.64 15.90 49.93
CA VAL A 32 -9.77 17.08 49.09
C VAL A 32 -8.59 17.23 48.14
N TRP A 33 -7.35 17.11 48.65
CA TRP A 33 -6.20 17.29 47.76
C TRP A 33 -6.15 16.24 46.66
N VAL A 34 -6.64 15.03 46.93
CA VAL A 34 -6.71 14.03 45.88
C VAL A 34 -7.71 14.43 44.81
N ARG A 35 -8.81 15.09 45.20
CA ARG A 35 -9.83 15.47 44.24
C ARG A 35 -9.34 16.57 43.32
N VAL A 36 -8.76 17.63 43.89
CA VAL A 36 -8.35 18.78 43.08
C VAL A 36 -7.19 18.41 42.16
N SER A 37 -6.16 17.76 42.71
CA SER A 37 -4.93 17.51 41.97
C SER A 37 -5.21 16.85 40.63
N LEU A 38 -5.78 15.64 40.67
CA LEU A 38 -6.18 14.94 39.46
C LEU A 38 -6.81 15.88 38.46
N TRP A 39 -7.82 16.63 38.91
CA TRP A 39 -8.58 17.48 38.00
C TRP A 39 -7.65 18.41 37.25
N VAL A 40 -6.82 19.16 37.97
CA VAL A 40 -5.98 20.15 37.29
C VAL A 40 -5.06 19.45 36.30
N SER A 41 -4.49 18.31 36.71
CA SER A 41 -3.59 17.59 35.81
C SER A 41 -4.30 17.27 34.51
N VAL A 42 -5.52 16.74 34.60
CA VAL A 42 -6.26 16.39 33.40
C VAL A 42 -6.38 17.59 32.50
N VAL A 43 -6.80 18.73 33.06
CA VAL A 43 -7.01 19.93 32.26
C VAL A 43 -5.73 20.26 31.51
N THR A 44 -4.61 20.26 32.24
CA THR A 44 -3.34 20.64 31.64
C THR A 44 -3.10 19.80 30.39
N VAL A 45 -3.18 18.48 30.52
CA VAL A 45 -2.87 17.61 29.40
C VAL A 45 -3.75 17.98 28.22
N ALA A 46 -5.06 18.08 28.46
CA ALA A 46 -5.99 18.36 27.37
C ALA A 46 -5.56 19.62 26.64
N ALA A 47 -5.32 20.69 27.39
CA ALA A 47 -4.98 21.96 26.75
C ALA A 47 -3.79 21.78 25.83
N LEU A 48 -2.70 21.21 26.37
CA LEU A 48 -1.49 21.08 25.57
C LEU A 48 -1.78 20.28 24.32
N PHE A 49 -2.48 19.16 24.48
CA PHE A 49 -2.71 18.28 23.35
C PHE A 49 -3.48 19.02 22.26
N GLY A 50 -4.51 19.78 22.67
CA GLY A 50 -5.26 20.55 21.69
C GLY A 50 -4.37 21.50 20.91
N TRP A 51 -3.53 22.24 21.62
CA TRP A 51 -2.61 23.15 20.94
C TRP A 51 -1.71 22.39 19.98
N GLY A 52 -1.18 21.25 20.45
CA GLY A 52 -0.28 20.48 19.61
C GLY A 52 -0.93 19.98 18.34
N ALA A 53 -2.26 19.85 18.34
CA ALA A 53 -2.95 19.38 17.15
C ALA A 53 -3.47 20.52 16.28
N TRP A 54 -3.42 21.76 16.74
CA TRP A 54 -3.87 22.87 15.91
C TRP A 54 -2.74 23.44 15.07
N GLN A 55 -1.50 23.35 15.54
CA GLN A 55 -0.36 23.84 14.78
C GLN A 55 0.01 22.92 13.63
N ARG A 56 -0.56 21.73 13.57
CA ARG A 56 -0.32 20.77 12.48
C ARG A 56 -1.69 20.40 11.89
N ARG A 57 -2.18 21.21 10.97
CA ARG A 57 -3.48 21.01 10.33
C ARG A 57 -3.27 20.51 8.91
N TRP A 58 -3.89 19.38 8.59
CA TRP A 58 -3.81 18.84 7.24
C TRP A 58 -4.87 17.76 7.10
N ILE A 59 -5.13 17.37 5.86
CA ILE A 59 -5.95 16.21 5.54
C ILE A 59 -5.19 15.34 4.56
N ALA A 60 -5.21 14.04 4.79
CA ALA A 60 -4.48 13.11 3.95
C ALA A 60 -5.24 12.84 2.65
N ASP A 61 -4.53 12.26 1.68
CA ASP A 61 -5.18 11.79 0.47
C ASP A 61 -6.16 10.65 0.79
N ASP A 62 -5.78 9.76 1.71
CA ASP A 62 -6.67 8.69 2.14
C ASP A 62 -7.88 9.21 2.90
N GLY A 63 -7.79 10.41 3.48
CA GLY A 63 -8.94 10.99 4.16
C GLY A 63 -9.98 11.58 3.24
N LEU A 64 -9.63 11.84 1.99
CA LEU A 64 -10.57 12.34 0.99
C LEU A 64 -11.29 11.23 0.24
N ILE A 65 -10.93 9.97 0.50
CA ILE A 65 -11.63 8.85 -0.12
C ILE A 65 -12.93 8.55 0.62
N VAL A 66 -12.97 8.79 1.93
CA VAL A 66 -14.19 8.60 2.70
C VAL A 66 -15.24 9.62 2.29
N LEU A 67 -14.81 10.83 1.95
CA LEU A 67 -15.74 11.91 1.66
C LEU A 67 -16.49 11.68 0.35
N ARG A 68 -15.89 10.97 -0.62
CA ARG A 68 -16.62 10.68 -1.85
C ARG A 68 -17.76 9.69 -1.59
N THR A 69 -17.51 8.68 -0.75
CA THR A 69 -18.59 7.77 -0.37
C THR A 69 -19.68 8.52 0.41
N VAL A 70 -19.27 9.43 1.29
CA VAL A 70 -20.25 10.23 2.03
C VAL A 70 -21.08 11.09 1.08
N ARG A 71 -20.43 11.68 0.07
CA ARG A 71 -21.13 12.50 -0.91
C ARG A 71 -22.13 11.67 -1.72
N ASN A 72 -21.72 10.46 -2.13
CA ASN A 72 -22.62 9.57 -2.85
C ASN A 72 -23.80 9.18 -1.99
N LEU A 73 -23.57 8.90 -0.71
CA LEU A 73 -24.65 8.50 0.18
C LEU A 73 -25.63 9.65 0.43
N LEU A 74 -25.11 10.87 0.58
CA LEU A 74 -25.97 12.03 0.75
C LEU A 74 -26.64 12.48 -0.54
N ALA A 75 -26.17 11.99 -1.69
CA ALA A 75 -26.77 12.31 -2.98
C ALA A 75 -27.90 11.36 -3.38
N GLY A 76 -28.13 10.31 -2.61
CA GLY A 76 -29.15 9.34 -2.94
C GLY A 76 -28.70 8.17 -3.78
N ASN A 77 -27.39 7.91 -3.87
CA ASN A 77 -26.87 6.83 -4.69
C ASN A 77 -26.48 5.60 -3.89
N GLY A 78 -26.24 5.73 -2.58
CA GLY A 78 -25.88 4.60 -1.76
C GLY A 78 -24.44 4.62 -1.31
N PRO A 79 -24.07 3.69 -0.44
CA PRO A 79 -22.69 3.63 0.10
C PRO A 79 -21.69 3.06 -0.89
N VAL A 80 -21.44 3.81 -1.97
CA VAL A 80 -20.61 3.34 -3.07
C VAL A 80 -19.62 4.42 -3.47
N PHE A 81 -18.55 3.99 -4.14
CA PHE A 81 -17.57 4.93 -4.69
C PHE A 81 -18.05 5.50 -6.02
N ASN A 82 -18.56 4.64 -6.89
CA ASN A 82 -19.11 5.03 -8.19
C ASN A 82 -20.58 4.60 -8.25
N ALA A 83 -21.38 5.38 -8.99
CA ALA A 83 -22.83 5.22 -8.94
C ALA A 83 -23.27 3.86 -9.46
N GLY A 84 -22.64 3.36 -10.51
CA GLY A 84 -23.09 2.15 -11.15
C GLY A 84 -22.61 0.83 -10.58
N GLU A 85 -21.74 0.84 -9.57
CA GLU A 85 -21.18 -0.39 -9.02
C GLU A 85 -21.32 -0.38 -7.50
N ARG A 86 -21.41 -1.57 -6.92
CA ARG A 86 -21.52 -1.76 -5.48
C ARG A 86 -20.19 -2.30 -4.96
N VAL A 87 -19.29 -1.39 -4.63
CA VAL A 87 -17.95 -1.73 -4.15
C VAL A 87 -17.71 -1.03 -2.82
N GLU A 88 -17.20 -1.77 -1.84
CA GLU A 88 -16.91 -1.24 -0.52
C GLU A 88 -15.46 -0.74 -0.47
N ALA A 89 -15.28 0.52 -0.12
CA ALA A 89 -13.96 1.13 -0.09
C ALA A 89 -13.54 1.61 1.30
N ASN A 90 -14.41 1.57 2.29
CA ASN A 90 -14.10 2.02 3.64
C ASN A 90 -14.03 0.82 4.57
N THR A 91 -12.98 0.77 5.38
CA THR A 91 -12.76 -0.34 6.30
C THR A 91 -13.06 0.04 7.76
N SER A 92 -13.97 0.97 8.00
CA SER A 92 -14.31 1.38 9.36
C SER A 92 -15.78 1.21 9.70
N THR A 93 -16.70 1.53 8.79
CA THR A 93 -18.12 1.21 8.94
C THR A 93 -18.79 2.04 10.03
N VAL A 94 -17.98 2.73 10.85
CA VAL A 94 -18.48 3.59 11.91
C VAL A 94 -18.05 5.03 11.71
N TRP A 95 -16.79 5.24 11.31
CA TRP A 95 -16.32 6.57 10.95
C TRP A 95 -17.11 7.13 9.77
N SER A 96 -17.38 6.30 8.76
CA SER A 96 -18.08 6.76 7.57
C SER A 96 -19.49 7.21 7.90
N TYR A 97 -20.22 6.41 8.70
CA TYR A 97 -21.60 6.77 9.01
C TYR A 97 -21.68 7.92 10.01
N LEU A 98 -20.70 8.03 10.90
CA LEU A 98 -20.63 9.19 11.79
C LEU A 98 -20.40 10.48 10.98
N VAL A 99 -19.50 10.45 10.01
CA VAL A 99 -19.28 11.61 9.16
C VAL A 99 -20.50 11.90 8.31
N THR A 100 -21.20 10.86 7.86
CA THR A 100 -22.43 11.06 7.11
C THR A 100 -23.49 11.78 7.94
N LEU A 101 -23.64 11.36 9.21
CA LEU A 101 -24.59 12.04 10.09
C LEU A 101 -24.18 13.48 10.33
N GLY A 102 -22.89 13.73 10.56
CA GLY A 102 -22.42 15.09 10.75
C GLY A 102 -22.67 15.97 9.54
N GLY A 103 -22.43 15.44 8.34
CA GLY A 103 -22.69 16.18 7.12
C GLY A 103 -24.16 16.34 6.79
N PHE A 104 -25.01 15.46 7.32
CA PHE A 104 -26.44 15.65 7.19
C PHE A 104 -26.93 16.76 8.11
N VAL A 105 -26.44 16.80 9.34
CA VAL A 105 -26.85 17.86 10.26
C VAL A 105 -26.35 19.22 9.78
N ALA A 106 -25.07 19.28 9.37
CA ALA A 106 -24.49 20.53 8.89
C ALA A 106 -24.89 20.76 7.44
N GLY A 107 -25.61 21.86 7.19
CA GLY A 107 -26.05 22.16 5.84
C GLY A 107 -24.97 22.65 4.91
N SER A 108 -23.78 22.96 5.44
CA SER A 108 -22.67 23.39 4.59
C SER A 108 -22.21 22.25 3.70
N ALA A 109 -21.74 22.61 2.51
CA ALA A 109 -21.27 21.63 1.54
C ALA A 109 -19.83 21.19 1.79
N ARG A 110 -19.15 21.76 2.78
CA ARG A 110 -17.78 21.39 3.09
C ARG A 110 -17.79 20.28 4.14
N LEU A 111 -17.14 19.17 3.82
CA LEU A 111 -17.07 18.01 4.70
C LEU A 111 -15.72 17.84 5.38
N GLU A 112 -14.70 18.60 4.96
CA GLU A 112 -13.40 18.51 5.61
C GLU A 112 -13.44 19.09 7.00
N TYR A 113 -14.23 20.14 7.21
CA TYR A 113 -14.35 20.75 8.53
C TYR A 113 -15.04 19.81 9.52
N VAL A 114 -16.02 19.05 9.05
CA VAL A 114 -16.68 18.06 9.91
C VAL A 114 -15.67 17.04 10.39
N ALA A 115 -14.84 16.53 9.47
CA ALA A 115 -13.83 15.54 9.83
C ALA A 115 -12.82 16.12 10.81
N LEU A 116 -12.38 17.36 10.56
CA LEU A 116 -11.43 18.02 11.46
C LEU A 116 -11.99 18.12 12.89
N VAL A 117 -13.22 18.64 13.01
CA VAL A 117 -13.83 18.83 14.32
C VAL A 117 -14.01 17.49 15.03
N LEU A 118 -14.53 16.50 14.31
CA LEU A 118 -14.79 15.20 14.92
C LEU A 118 -13.50 14.54 15.40
N ALA A 119 -12.45 14.58 14.59
CA ALA A 119 -11.20 13.94 14.96
C ALA A 119 -10.59 14.60 16.20
N LEU A 120 -10.57 15.94 16.23
CA LEU A 120 -10.04 16.64 17.40
C LEU A 120 -10.80 16.26 18.66
N THR A 121 -12.14 16.35 18.61
CA THR A 121 -12.94 16.06 19.79
C THR A 121 -12.75 14.63 20.27
N LEU A 122 -12.72 13.68 19.33
CA LEU A 122 -12.59 12.27 19.72
C LEU A 122 -11.23 11.99 20.36
N SER A 123 -10.15 12.57 19.82
CA SER A 123 -8.84 12.35 20.42
C SER A 123 -8.77 12.89 21.85
N VAL A 124 -9.24 14.13 22.04
CA VAL A 124 -9.20 14.72 23.38
C VAL A 124 -10.06 13.90 24.35
N LEU A 125 -11.25 13.48 23.91
CA LEU A 125 -12.13 12.69 24.76
C LEU A 125 -11.48 11.36 25.15
N GLY A 126 -10.80 10.71 24.20
CA GLY A 126 -10.15 9.44 24.52
C GLY A 126 -9.08 9.58 25.57
N VAL A 127 -8.24 10.62 25.45
CA VAL A 127 -7.19 10.83 26.46
C VAL A 127 -7.81 11.09 27.83
N VAL A 128 -8.84 11.93 27.88
CA VAL A 128 -9.49 12.23 29.16
C VAL A 128 -10.08 10.95 29.78
N LEU A 129 -10.73 10.14 28.94
CA LEU A 129 -11.36 8.92 29.44
C LEU A 129 -10.34 7.95 30.01
N VAL A 130 -9.20 7.79 29.33
CA VAL A 130 -8.22 6.83 29.83
C VAL A 130 -7.61 7.32 31.15
N MET A 131 -7.37 8.63 31.27
CA MET A 131 -6.84 9.14 32.54
C MET A 131 -7.83 8.92 33.68
N PHE A 132 -9.11 9.22 33.44
CA PHE A 132 -10.11 9.04 34.49
C PHE A 132 -10.29 7.57 34.85
N GLY A 133 -10.20 6.67 33.87
CA GLY A 133 -10.27 5.25 34.17
C GLY A 133 -9.10 4.75 35.00
N THR A 134 -7.89 5.25 34.71
CA THR A 134 -6.73 4.82 35.47
C THR A 134 -6.76 5.34 36.90
N ALA A 135 -7.34 6.53 37.13
CA ALA A 135 -7.39 7.04 38.50
C ALA A 135 -8.19 6.13 39.43
N ARG A 136 -9.31 5.59 38.97
CA ARG A 136 -10.14 4.74 39.82
C ARG A 136 -9.45 3.42 40.15
N LEU A 137 -8.47 2.99 39.36
CA LEU A 137 -7.72 1.79 39.68
C LEU A 137 -6.95 1.97 40.99
N TYR A 138 -6.31 3.12 41.17
CA TYR A 138 -5.54 3.40 42.38
C TYR A 138 -6.38 3.98 43.51
N ALA A 139 -7.58 4.47 43.21
CA ALA A 139 -8.40 5.11 44.24
C ALA A 139 -8.66 4.23 45.47
N PRO A 140 -9.05 2.95 45.35
CA PRO A 140 -9.40 2.18 46.56
C PRO A 140 -8.29 2.06 47.59
N GLY A 141 -7.03 2.06 47.17
CA GLY A 141 -5.91 1.94 48.09
C GLY A 141 -5.44 3.24 48.72
N LEU A 142 -6.13 4.36 48.48
CA LEU A 142 -5.73 5.66 48.99
C LEU A 142 -6.66 6.16 50.09
N THR A 143 -7.44 5.26 50.69
CA THR A 143 -8.40 5.68 51.71
C THR A 143 -7.68 6.18 52.96
N GLY A 144 -8.05 7.36 53.42
CA GLY A 144 -7.44 7.94 54.61
C GLY A 144 -5.97 8.24 54.47
N ARG A 145 -5.54 8.74 53.32
CA ARG A 145 -4.14 9.03 53.07
C ARG A 145 -4.04 10.36 52.34
N ARG A 146 -2.88 11.01 52.48
CA ARG A 146 -2.59 12.25 51.77
C ARG A 146 -1.67 11.94 50.61
N ALA A 147 -2.13 12.24 49.39
CA ALA A 147 -1.41 11.89 48.18
C ALA A 147 -1.76 12.88 47.09
N VAL A 148 -0.99 12.83 46.01
CA VAL A 148 -1.26 13.64 44.82
C VAL A 148 -1.20 12.74 43.59
N PHE A 149 -1.87 13.19 42.53
CA PHE A 149 -1.87 12.48 41.25
C PHE A 149 -0.98 13.24 40.27
N LEU A 150 -0.13 12.51 39.55
CA LEU A 150 0.75 13.14 38.58
C LEU A 150 0.64 12.41 37.24
N PRO A 151 0.64 13.15 36.13
CA PRO A 151 0.52 12.52 34.81
C PRO A 151 1.86 11.96 34.35
N ALA A 152 1.90 10.65 34.09
CA ALA A 152 3.11 9.98 33.67
C ALA A 152 3.00 9.42 32.26
N GLY A 153 2.03 8.54 32.01
CA GLY A 153 1.90 7.93 30.69
C GLY A 153 1.13 8.76 29.69
N ALA A 154 0.34 9.73 30.15
CA ALA A 154 -0.40 10.58 29.23
C ALA A 154 0.51 11.61 28.57
N LEU A 155 1.46 12.15 29.33
CA LEU A 155 2.39 13.13 28.78
C LEU A 155 3.33 12.50 27.75
N VAL A 156 3.75 11.25 28.01
CA VAL A 156 4.66 10.56 27.10
C VAL A 156 4.02 10.37 25.73
N TYR A 157 2.75 9.98 25.70
CA TYR A 157 2.08 9.74 24.42
C TYR A 157 1.95 11.03 23.62
N ILE A 158 1.54 12.12 24.26
CA ILE A 158 1.34 13.38 23.55
C ILE A 158 2.64 14.11 23.24
N ALA A 159 3.76 13.68 23.82
CA ALA A 159 5.04 14.28 23.48
C ALA A 159 5.57 13.84 22.12
N ILE A 160 5.09 12.71 21.59
CA ILE A 160 5.58 12.14 20.34
C ILE A 160 4.98 12.89 19.16
N PRO A 161 5.79 13.46 18.26
CA PRO A 161 5.25 14.33 17.20
C PRO A 161 4.32 13.60 16.23
N PRO A 162 4.62 12.36 15.82
CA PRO A 162 3.64 11.66 14.96
C PRO A 162 2.31 11.38 15.64
N ALA A 163 2.26 11.39 16.98
CA ALA A 163 0.97 11.27 17.66
C ALA A 163 0.11 12.50 17.43
N ARG A 164 0.72 13.67 17.32
CA ARG A 164 0.00 14.90 17.01
C ARG A 164 -0.19 15.10 15.51
N ASP A 165 0.60 14.43 14.67
CA ASP A 165 0.35 14.46 13.23
C ASP A 165 -0.97 13.77 12.88
N PHE A 166 -1.24 12.61 13.50
CA PHE A 166 -2.38 11.80 13.15
C PHE A 166 -3.56 12.00 14.10
N ALA A 167 -3.51 13.04 14.93
CA ALA A 167 -4.62 13.41 15.80
C ALA A 167 -5.64 14.30 15.10
N THR A 168 -5.38 14.70 13.86
CA THR A 168 -6.27 15.61 13.16
C THR A 168 -6.44 15.30 11.68
N SER A 169 -5.88 14.22 11.16
CA SER A 169 -6.04 13.89 9.75
C SER A 169 -7.45 13.37 9.51
N GLY A 170 -7.70 12.84 8.32
CA GLY A 170 -9.02 12.34 7.98
C GLY A 170 -9.26 10.89 8.32
N LEU A 171 -8.41 10.31 9.16
CA LEU A 171 -8.48 8.90 9.49
C LEU A 171 -9.34 8.70 10.75
N GLU A 172 -9.42 7.45 11.22
CA GLU A 172 -10.28 7.09 12.34
C GLU A 172 -9.50 6.80 13.62
N ASN A 173 -8.34 7.46 13.78
CA ASN A 173 -7.51 7.22 14.96
C ASN A 173 -8.18 7.73 16.25
N GLY A 174 -8.83 8.89 16.19
CA GLY A 174 -9.50 9.41 17.36
C GLY A 174 -10.67 8.55 17.80
N LEU A 175 -11.37 7.96 16.85
CA LEU A 175 -12.44 7.01 17.17
C LEU A 175 -11.88 5.81 17.94
N VAL A 176 -10.72 5.31 17.50
CA VAL A 176 -10.08 4.20 18.20
C VAL A 176 -9.68 4.60 19.62
N LEU A 177 -9.14 5.81 19.77
CA LEU A 177 -8.73 6.27 21.10
C LEU A 177 -9.93 6.36 22.04
N ALA A 178 -11.03 6.94 21.56
CA ALA A 178 -12.22 7.08 22.39
C ALA A 178 -12.80 5.72 22.76
N TYR A 179 -12.86 4.80 21.80
CA TYR A 179 -13.38 3.46 22.08
C TYR A 179 -12.52 2.74 23.12
N LEU A 180 -11.20 2.83 22.98
CA LEU A 180 -10.31 2.15 23.93
C LEU A 180 -10.43 2.74 25.32
N GLY A 181 -10.52 4.07 25.43
CA GLY A 181 -10.70 4.69 26.73
C GLY A 181 -11.98 4.26 27.41
N LEU A 182 -13.09 4.25 26.66
CA LEU A 182 -14.36 3.81 27.24
C LEU A 182 -14.30 2.36 27.69
N LEU A 183 -13.71 1.48 26.87
CA LEU A 183 -13.61 0.08 27.24
C LEU A 183 -12.74 -0.11 28.48
N TRP A 184 -11.64 0.62 28.59
CA TRP A 184 -10.77 0.53 29.75
C TRP A 184 -11.51 0.94 31.03
N TRP A 185 -12.21 2.07 30.98
CA TRP A 185 -12.95 2.52 32.16
C TRP A 185 -14.02 1.52 32.57
N MET A 186 -14.80 1.03 31.60
CA MET A 186 -15.86 0.08 31.90
C MET A 186 -15.31 -1.22 32.48
N MET A 187 -14.20 -1.72 31.93
CA MET A 187 -13.62 -2.95 32.44
C MET A 187 -13.09 -2.78 33.86
N VAL A 188 -12.48 -1.63 34.16
CA VAL A 188 -12.00 -1.39 35.52
C VAL A 188 -13.17 -1.37 36.50
N CYS A 189 -14.25 -0.69 36.14
CA CYS A 189 -15.42 -0.67 37.02
C CYS A 189 -16.02 -2.06 37.20
N TRP A 190 -16.07 -2.86 36.12
CA TRP A 190 -16.59 -4.22 36.22
C TRP A 190 -15.74 -5.06 37.16
N SER A 191 -14.41 -4.96 37.04
CA SER A 191 -13.54 -5.75 37.91
C SER A 191 -13.68 -5.34 39.37
N GLN A 192 -13.79 -4.04 39.64
CA GLN A 192 -13.92 -3.60 41.03
C GLN A 192 -15.33 -3.72 41.58
N GLY A 193 -16.32 -4.01 40.75
CA GLY A 193 -17.69 -4.01 41.20
C GLY A 193 -18.11 -5.16 42.08
N LEU A 194 -17.23 -6.11 42.34
CA LEU A 194 -17.57 -7.28 43.15
C LEU A 194 -17.80 -6.86 44.59
N ARG A 195 -19.07 -6.81 45.00
CA ARG A 195 -19.42 -6.55 46.38
C ARG A 195 -20.47 -7.50 46.93
N ARG A 196 -21.04 -8.38 46.11
CA ARG A 196 -22.06 -9.34 46.52
C ARG A 196 -23.25 -8.65 47.19
N PRO A 197 -23.98 -7.78 46.48
CA PRO A 197 -25.14 -7.13 47.09
C PRO A 197 -26.27 -8.11 47.37
N ASP A 198 -26.62 -8.91 46.37
CA ASP A 198 -27.71 -9.88 46.49
C ASP A 198 -27.33 -11.19 45.83
N GLY A 199 -26.11 -11.66 46.10
CA GLY A 199 -25.61 -12.85 45.44
C GLY A 199 -25.39 -12.68 43.96
N GLU A 200 -24.96 -11.50 43.53
CA GLU A 200 -24.72 -11.22 42.12
C GLU A 200 -23.54 -10.26 42.02
N ARG A 201 -22.85 -10.31 40.89
CA ARG A 201 -21.67 -9.47 40.71
C ARG A 201 -22.06 -8.00 40.58
N THR A 202 -22.81 -7.66 39.53
CA THR A 202 -23.24 -6.30 39.26
C THR A 202 -24.69 -6.36 38.79
N SER A 203 -25.19 -5.25 38.25
CA SER A 203 -26.53 -5.23 37.71
C SER A 203 -26.56 -5.87 36.33
N ARG A 204 -27.78 -6.18 35.86
CA ARG A 204 -27.95 -6.77 34.54
C ARG A 204 -27.79 -5.74 33.42
N GLY A 205 -28.23 -4.52 33.64
CA GLY A 205 -28.08 -3.50 32.61
C GLY A 205 -26.62 -3.20 32.32
N PHE A 206 -25.79 -3.14 33.36
CA PHE A 206 -24.37 -2.92 33.17
C PHE A 206 -23.74 -4.07 32.38
N ASP A 207 -24.14 -5.31 32.68
CA ASP A 207 -23.61 -6.47 31.96
C ASP A 207 -24.00 -6.42 30.49
N ALA A 208 -25.26 -6.11 30.19
CA ALA A 208 -25.70 -6.02 28.81
C ALA A 208 -24.96 -4.92 28.06
N THR A 209 -24.79 -3.76 28.70
CA THR A 209 -24.08 -2.65 28.06
C THR A 209 -22.64 -3.00 27.78
N LEU A 210 -21.96 -3.64 28.74
CA LEU A 210 -20.57 -4.04 28.54
C LEU A 210 -20.45 -5.08 27.43
N ALA A 211 -21.39 -6.03 27.37
CA ALA A 211 -21.36 -7.04 26.30
C ALA A 211 -21.54 -6.39 24.94
N VAL A 212 -22.47 -5.45 24.81
CA VAL A 212 -22.69 -4.78 23.53
C VAL A 212 -21.45 -3.98 23.13
N VAL A 213 -20.86 -3.25 24.09
CA VAL A 213 -19.66 -2.46 23.81
C VAL A 213 -18.52 -3.36 23.35
N ALA A 214 -18.32 -4.49 24.04
CA ALA A 214 -17.25 -5.42 23.66
C ALA A 214 -17.49 -6.00 22.27
N GLY A 215 -18.74 -6.36 21.96
CA GLY A 215 -19.03 -6.92 20.66
C GLY A 215 -18.90 -5.91 19.53
N MET A 216 -19.03 -4.62 19.84
CA MET A 216 -18.97 -3.57 18.84
C MET A 216 -17.51 -3.33 18.29
N SER A 217 -16.52 -4.11 18.72
CA SER A 217 -15.12 -3.85 18.37
C SER A 217 -14.78 -4.21 16.92
N VAL A 218 -15.39 -5.26 16.38
CA VAL A 218 -15.05 -5.71 15.03
C VAL A 218 -15.47 -4.66 14.00
N LEU A 219 -16.58 -3.96 14.24
CA LEU A 219 -17.01 -2.93 13.29
C LEU A 219 -16.03 -1.78 13.23
N VAL A 220 -15.51 -1.33 14.39
CA VAL A 220 -14.59 -0.20 14.42
C VAL A 220 -13.35 -0.50 13.57
N ARG A 221 -12.60 -1.52 13.95
CA ARG A 221 -11.49 -2.04 13.16
C ARG A 221 -11.52 -3.56 13.24
N PRO A 222 -11.16 -4.25 12.16
CA PRO A 222 -11.20 -5.72 12.22
C PRO A 222 -10.21 -6.32 13.21
N GLU A 223 -8.94 -5.93 13.14
CA GLU A 223 -7.94 -6.49 14.04
C GLU A 223 -8.19 -6.14 15.50
N LEU A 224 -9.02 -5.13 15.77
CA LEU A 224 -9.39 -4.82 17.14
C LEU A 224 -10.23 -5.91 17.77
N ALA A 225 -10.78 -6.82 16.96
CA ALA A 225 -11.62 -7.90 17.50
C ALA A 225 -10.87 -8.71 18.55
N LEU A 226 -9.58 -9.00 18.30
CA LEU A 226 -8.79 -9.78 19.24
C LEU A 226 -8.80 -9.16 20.62
N ILE A 227 -8.94 -7.85 20.71
CA ILE A 227 -9.13 -7.22 22.01
C ILE A 227 -10.53 -7.52 22.54
N GLY A 228 -11.55 -7.06 21.81
CA GLY A 228 -12.90 -7.12 22.33
C GLY A 228 -13.34 -8.54 22.63
N GLY A 229 -13.11 -9.46 21.68
CA GLY A 229 -13.45 -10.84 21.91
C GLY A 229 -12.83 -11.39 23.17
N LEU A 230 -11.56 -11.05 23.42
CA LEU A 230 -10.92 -11.50 24.64
C LEU A 230 -11.73 -11.11 25.87
N ALA A 231 -12.15 -9.84 25.93
CA ALA A 231 -12.96 -9.39 27.05
C ALA A 231 -14.21 -10.24 27.18
N LEU A 232 -14.87 -10.53 26.06
CA LEU A 232 -16.08 -11.35 26.10
C LEU A 232 -15.80 -12.69 26.77
N VAL A 233 -14.68 -13.31 26.43
CA VAL A 233 -14.37 -14.62 26.99
C VAL A 233 -14.35 -14.54 28.52
N MET A 234 -13.74 -13.49 29.06
CA MET A 234 -13.66 -13.34 30.51
C MET A 234 -15.05 -13.35 31.11
N MET A 235 -15.98 -12.60 30.51
CA MET A 235 -17.34 -12.58 31.03
C MET A 235 -17.94 -13.98 31.01
N LEU A 236 -17.76 -14.71 29.91
CA LEU A 236 -18.33 -16.05 29.82
C LEU A 236 -17.78 -16.96 30.91
N VAL A 237 -16.56 -16.69 31.38
CA VAL A 237 -15.98 -17.52 32.42
C VAL A 237 -16.67 -17.29 33.74
N ALA A 238 -17.04 -16.03 34.02
CA ALA A 238 -17.53 -15.69 35.35
C ALA A 238 -19.02 -15.97 35.54
N ALA A 239 -19.74 -16.32 34.48
CA ALA A 239 -21.16 -16.59 34.62
C ALA A 239 -21.38 -17.83 35.48
N PRO A 240 -22.44 -17.84 36.30
CA PRO A 240 -22.68 -19.01 37.17
C PRO A 240 -23.26 -20.20 36.43
N THR A 241 -24.10 -19.96 35.43
CA THR A 241 -24.83 -21.02 34.73
C THR A 241 -24.64 -20.86 33.23
N TRP A 242 -25.20 -21.82 32.48
CA TRP A 242 -25.18 -21.76 31.03
C TRP A 242 -26.19 -20.74 30.48
N ARG A 243 -27.26 -20.48 31.22
CA ARG A 243 -28.25 -19.53 30.76
C ARG A 243 -27.65 -18.14 30.59
N ARG A 244 -26.85 -17.71 31.57
CA ARG A 244 -26.22 -16.39 31.47
C ARG A 244 -25.23 -16.35 30.32
N ARG A 245 -24.52 -17.45 30.08
CA ARG A 245 -23.57 -17.48 28.97
C ARG A 245 -24.29 -17.35 27.63
N LEU A 246 -25.40 -18.07 27.46
CA LEU A 246 -26.17 -17.96 26.23
C LEU A 246 -26.73 -16.54 26.05
N ALA A 247 -27.25 -15.96 27.13
CA ALA A 247 -27.77 -14.60 27.04
C ALA A 247 -26.67 -13.61 26.65
N LEU A 248 -25.49 -13.73 27.26
CA LEU A 248 -24.40 -12.81 26.94
C LEU A 248 -23.94 -12.96 25.50
N VAL A 249 -23.81 -14.19 25.01
CA VAL A 249 -23.32 -14.38 23.66
C VAL A 249 -24.36 -13.91 22.64
N VAL A 250 -25.64 -14.08 22.94
CA VAL A 250 -26.68 -13.61 22.02
C VAL A 250 -26.72 -12.09 22.00
N VAL A 251 -26.64 -11.45 23.17
CA VAL A 251 -26.73 -9.99 23.22
C VAL A 251 -25.48 -9.33 22.61
N GLY A 252 -24.31 -9.93 22.82
CA GLY A 252 -23.07 -9.29 22.41
C GLY A 252 -22.93 -9.09 20.91
N GLY A 253 -23.29 -10.11 20.12
CA GLY A 253 -22.97 -10.09 18.71
C GLY A 253 -24.14 -10.01 17.74
N LEU A 254 -25.17 -9.24 18.07
CA LEU A 254 -26.32 -9.11 17.16
C LEU A 254 -26.03 -8.13 16.02
N ILE A 255 -25.51 -6.95 16.35
CA ILE A 255 -25.24 -5.94 15.32
C ILE A 255 -24.18 -6.39 14.32
N PRO A 256 -23.04 -6.95 14.72
CA PRO A 256 -22.09 -7.45 13.71
C PRO A 256 -22.68 -8.52 12.80
N VAL A 257 -23.52 -9.41 13.34
CA VAL A 257 -24.14 -10.44 12.52
C VAL A 257 -25.08 -9.80 11.49
N ALA A 258 -25.90 -8.84 11.93
CA ALA A 258 -26.80 -8.17 11.00
C ALA A 258 -26.03 -7.45 9.89
N TYR A 259 -24.95 -6.76 10.26
CA TYR A 259 -24.19 -6.06 9.22
C TYR A 259 -23.47 -7.03 8.29
N GLN A 260 -23.03 -8.19 8.80
CA GLN A 260 -22.45 -9.20 7.93
C GLN A 260 -23.47 -9.70 6.92
N ILE A 261 -24.70 -9.94 7.36
CA ILE A 261 -25.75 -10.36 6.44
C ILE A 261 -25.99 -9.29 5.37
N PHE A 262 -26.06 -8.02 5.79
CA PHE A 262 -26.29 -6.95 4.82
C PHE A 262 -25.14 -6.86 3.82
N ARG A 263 -23.90 -6.97 4.29
CA ARG A 263 -22.75 -6.89 3.41
C ARG A 263 -22.74 -8.04 2.40
N MET A 264 -23.06 -9.25 2.86
CA MET A 264 -23.14 -10.39 1.95
C MET A 264 -24.22 -10.19 0.90
N GLY A 265 -25.38 -9.69 1.32
CA GLY A 265 -26.48 -9.50 0.37
C GLY A 265 -26.22 -8.38 -0.63
N TYR A 266 -25.59 -7.30 -0.20
CA TYR A 266 -25.41 -6.10 -1.02
C TYR A 266 -24.16 -6.15 -1.89
N TYR A 267 -23.00 -6.44 -1.31
CA TYR A 267 -21.75 -6.39 -2.04
C TYR A 267 -21.34 -7.72 -2.64
N GLY A 268 -21.92 -8.83 -2.19
CA GLY A 268 -21.60 -10.12 -2.75
C GLY A 268 -20.29 -10.73 -2.31
N LEU A 269 -19.70 -10.24 -1.23
CA LEU A 269 -18.43 -10.75 -0.73
C LEU A 269 -18.52 -10.94 0.78
N LEU A 270 -17.50 -11.61 1.34
CA LEU A 270 -17.37 -11.75 2.78
C LEU A 270 -16.43 -10.70 3.38
N VAL A 271 -15.76 -9.91 2.56
CA VAL A 271 -14.74 -8.96 3.03
C VAL A 271 -14.96 -7.64 2.31
N PRO A 272 -14.40 -6.54 2.85
CA PRO A 272 -14.59 -5.24 2.22
C PRO A 272 -14.11 -5.16 0.78
N GLY A 273 -13.05 -5.87 0.41
CA GLY A 273 -12.58 -5.83 -0.96
C GLY A 273 -11.17 -5.32 -1.10
N THR A 274 -10.81 -4.32 -0.28
CA THR A 274 -9.42 -3.90 -0.20
C THR A 274 -8.54 -5.01 0.35
N ALA A 275 -9.05 -5.74 1.35
CA ALA A 275 -8.33 -6.92 1.85
C ALA A 275 -8.30 -8.03 0.81
N LEU A 276 -9.32 -8.09 -0.05
CA LEU A 276 -9.35 -9.11 -1.10
C LEU A 276 -8.28 -8.85 -2.16
N ALA A 277 -7.97 -7.58 -2.44
CA ALA A 277 -7.03 -7.25 -3.50
C ALA A 277 -5.64 -7.79 -3.20
N LYS A 278 -5.17 -7.61 -1.97
CA LYS A 278 -3.86 -8.16 -1.56
C LYS A 278 -3.94 -9.68 -1.54
N ASP A 279 -2.90 -10.36 -1.99
CA ASP A 279 -2.83 -11.81 -1.98
C ASP A 279 -1.54 -12.21 -1.26
N ALA A 280 -1.63 -12.31 0.06
CA ALA A 280 -0.45 -12.57 0.87
C ALA A 280 0.07 -13.99 0.64
N SER A 281 1.36 -14.17 0.94
CA SER A 281 2.01 -15.47 0.76
C SER A 281 2.76 -15.94 2.00
N GLY A 282 2.82 -15.15 3.06
CA GLY A 282 3.54 -15.55 4.24
C GLY A 282 3.90 -14.34 5.08
N ALA A 283 4.73 -14.60 6.09
CA ALA A 283 5.17 -13.56 7.02
C ALA A 283 6.34 -12.78 6.44
N LYS A 284 6.46 -11.52 6.89
CA LYS A 284 7.58 -10.64 6.52
C LYS A 284 8.15 -10.04 7.81
N TRP A 285 9.03 -10.80 8.48
CA TRP A 285 9.58 -10.34 9.76
C TRP A 285 10.66 -9.29 9.58
N ASP A 286 11.46 -9.39 8.51
CA ASP A 286 12.56 -8.45 8.31
C ASP A 286 12.04 -7.04 8.05
N GLN A 287 11.00 -6.90 7.22
CA GLN A 287 10.42 -5.59 6.97
C GLN A 287 9.81 -5.01 8.24
N GLY A 288 9.17 -5.86 9.05
CA GLY A 288 8.61 -5.39 10.31
C GLY A 288 9.68 -4.89 11.26
N LEU A 289 10.82 -5.59 11.34
CA LEU A 289 11.92 -5.14 12.17
C LEU A 289 12.50 -3.83 11.66
N VAL A 290 12.61 -3.68 10.34
CA VAL A 290 13.09 -2.42 9.77
C VAL A 290 12.14 -1.29 10.13
N TYR A 291 10.84 -1.53 10.03
CA TYR A 291 9.84 -0.52 10.38
C TYR A 291 9.93 -0.14 11.86
N LEU A 292 10.10 -1.13 12.73
CA LEU A 292 10.23 -0.84 14.16
C LEU A 292 11.47 -0.01 14.46
N ALA A 293 12.61 -0.36 13.85
CA ALA A 293 13.82 0.42 14.05
C ALA A 293 13.66 1.85 13.54
N ASN A 294 13.02 1.99 12.37
CA ASN A 294 12.80 3.32 11.82
C ASN A 294 11.93 4.16 12.74
N PHE A 295 10.90 3.55 13.34
CA PHE A 295 10.08 4.29 14.30
C PHE A 295 10.90 4.69 15.53
N ASN A 296 11.73 3.77 16.04
CA ASN A 296 12.39 4.03 17.31
C ASN A 296 13.48 5.08 17.20
N GLN A 297 14.30 5.02 16.15
CA GLN A 297 15.59 5.73 16.21
C GLN A 297 15.49 7.26 16.24
N PRO A 298 14.46 7.93 15.70
CA PRO A 298 14.40 9.38 15.88
C PRO A 298 14.32 9.83 17.33
N TYR A 299 13.64 9.08 18.19
CA TYR A 299 13.20 9.58 19.49
C TYR A 299 13.70 8.81 20.70
N LEU A 300 14.34 7.65 20.51
CA LEU A 300 14.92 6.85 21.59
C LEU A 300 13.84 6.44 22.61
N LEU A 301 12.93 5.60 22.12
CA LEU A 301 11.74 5.24 22.90
C LEU A 301 12.02 4.30 24.07
N TRP A 302 13.23 3.76 24.19
CA TRP A 302 13.49 2.79 25.25
C TRP A 302 13.65 3.43 26.62
N ALA A 303 14.13 4.66 26.68
CA ALA A 303 14.33 5.34 27.97
C ALA A 303 13.03 5.56 28.74
N PRO A 304 11.96 6.11 28.14
CA PRO A 304 10.70 6.21 28.90
C PRO A 304 10.15 4.86 29.31
N ALA A 305 10.34 3.83 28.48
CA ALA A 305 9.87 2.50 28.86
C ALA A 305 10.60 2.00 30.11
N VAL A 306 11.92 2.16 30.13
CA VAL A 306 12.70 1.72 31.30
C VAL A 306 12.27 2.49 32.55
N LEU A 307 12.14 3.82 32.41
CA LEU A 307 11.78 4.63 33.57
C LEU A 307 10.38 4.31 34.08
N LEU A 308 9.43 4.08 33.16
CA LEU A 308 8.07 3.80 33.57
C LEU A 308 7.96 2.41 34.19
N ILE A 309 8.73 1.44 33.69
CA ILE A 309 8.78 0.13 34.33
C ILE A 309 9.35 0.27 35.74
N GLY A 310 10.39 1.08 35.91
CA GLY A 310 10.92 1.31 37.25
C GLY A 310 9.90 1.92 38.19
N LEU A 311 9.18 2.94 37.71
CA LEU A 311 8.14 3.56 38.54
C LEU A 311 7.05 2.57 38.89
N GLY A 312 6.61 1.77 37.92
CA GLY A 312 5.55 0.81 38.19
C GLY A 312 5.95 -0.26 39.18
N LEU A 313 7.13 -0.84 39.01
CA LEU A 313 7.61 -1.83 39.97
C LEU A 313 7.97 -1.20 41.31
N MET A 314 8.14 0.12 41.38
CA MET A 314 8.39 0.72 42.67
C MET A 314 7.09 1.05 43.42
N VAL A 315 6.04 1.46 42.71
CA VAL A 315 4.79 1.81 43.38
C VAL A 315 4.09 0.60 43.96
N LEU A 316 4.33 -0.59 43.42
CA LEU A 316 3.63 -1.79 43.87
C LEU A 316 4.12 -2.27 45.23
N LEU A 317 5.39 -2.04 45.56
CA LEU A 317 5.95 -2.50 46.82
C LEU A 317 5.33 -1.78 48.02
N LEU A 318 4.98 -0.51 47.87
CA LEU A 318 4.36 0.22 48.98
C LEU A 318 2.99 -0.36 49.32
N ARG A 319 2.24 -0.79 48.30
CA ARG A 319 0.92 -1.35 48.53
C ARG A 319 0.98 -2.70 49.24
N GLY A 320 2.15 -3.33 49.29
CA GLY A 320 2.31 -4.63 49.94
C GLY A 320 2.76 -5.66 48.94
N ARG A 321 3.73 -6.46 49.34
CA ARG A 321 4.24 -7.53 48.47
C ARG A 321 3.17 -8.55 48.10
N PRO A 322 2.36 -9.08 49.03
CA PRO A 322 1.32 -10.02 48.58
C PRO A 322 0.21 -9.34 47.78
N TRP A 335 -13.12 -21.17 42.34
CA TRP A 335 -11.91 -20.38 42.56
C TRP A 335 -11.54 -19.56 41.33
N ILE A 336 -11.76 -20.15 40.15
CA ILE A 336 -11.38 -19.48 38.91
C ILE A 336 -12.26 -18.27 38.66
N ALA A 337 -13.55 -18.36 39.00
CA ALA A 337 -14.48 -17.27 38.76
C ALA A 337 -14.09 -16.03 39.56
N ARG A 338 -13.71 -16.21 40.82
CA ARG A 338 -13.27 -15.07 41.63
C ARG A 338 -11.98 -14.48 41.09
N THR A 339 -11.09 -15.32 40.59
CA THR A 339 -9.80 -14.85 40.11
C THR A 339 -9.93 -14.04 38.82
N VAL A 340 -10.81 -14.47 37.91
CA VAL A 340 -10.93 -13.79 36.63
C VAL A 340 -11.47 -12.38 36.82
N GLN A 341 -12.47 -12.20 37.67
CA GLN A 341 -13.03 -10.88 37.97
C GLN A 341 -12.29 -10.27 39.15
N SER A 342 -11.06 -9.86 38.89
CA SER A 342 -10.22 -9.23 39.89
C SER A 342 -9.42 -8.11 39.23
N PRO A 343 -9.05 -7.08 40.00
CA PRO A 343 -8.25 -5.98 39.44
C PRO A 343 -6.93 -6.42 38.86
N PRO A 344 -6.24 -7.43 39.44
CA PRO A 344 -5.01 -7.90 38.78
C PRO A 344 -5.20 -8.43 37.37
N ALA A 345 -6.40 -8.91 37.02
CA ALA A 345 -6.59 -9.53 35.71
C ALA A 345 -6.70 -8.51 34.58
N VAL A 346 -7.32 -7.36 34.83
CA VAL A 346 -7.53 -6.39 33.76
C VAL A 346 -6.21 -5.76 33.30
N VAL A 347 -5.26 -5.56 34.22
CA VAL A 347 -3.96 -5.03 33.84
C VAL A 347 -3.26 -6.00 32.88
N ALA A 348 -3.26 -7.29 33.23
CA ALA A 348 -2.67 -8.30 32.35
C ALA A 348 -3.39 -8.37 31.03
N PHE A 349 -4.72 -8.22 31.04
CA PHE A 349 -5.50 -8.24 29.81
C PHE A 349 -5.09 -7.10 28.88
N MET A 350 -4.93 -5.89 29.43
CA MET A 350 -4.51 -4.76 28.63
C MET A 350 -3.10 -4.95 28.07
N LEU A 351 -2.17 -5.41 28.90
CA LEU A 351 -0.79 -5.59 28.44
C LEU A 351 -0.70 -6.66 27.35
N ILE A 352 -1.43 -7.76 27.52
CA ILE A 352 -1.43 -8.83 26.53
C ILE A 352 -2.04 -8.34 25.23
N SER A 353 -3.12 -7.54 25.31
CA SER A 353 -3.71 -6.99 24.09
C SER A 353 -2.71 -6.12 23.34
N GLY A 354 -1.98 -5.26 24.05
CA GLY A 354 -0.99 -4.42 23.40
C GLY A 354 0.11 -5.24 22.74
N LEU A 355 0.62 -6.24 23.44
CA LEU A 355 1.68 -7.07 22.87
C LEU A 355 1.21 -7.83 21.65
N LEU A 356 -0.01 -8.35 21.68
CA LEU A 356 -0.55 -9.09 20.54
C LEU A 356 -0.74 -8.18 19.33
N GLN A 357 -1.23 -6.96 19.55
CA GLN A 357 -1.37 -6.02 18.44
C GLN A 357 -0.02 -5.70 17.82
N ALA A 358 0.99 -5.47 18.65
CA ALA A 358 2.32 -5.18 18.12
C ALA A 358 2.87 -6.35 17.32
N VAL A 359 2.70 -7.58 17.83
CA VAL A 359 3.20 -8.74 17.11
C VAL A 359 2.49 -8.92 15.77
N TYR A 360 1.17 -8.72 15.75
CA TYR A 360 0.42 -8.84 14.51
C TYR A 360 0.91 -7.84 13.46
N TRP A 361 1.08 -6.58 13.87
CA TRP A 361 1.50 -5.57 12.91
C TRP A 361 2.93 -5.78 12.44
N ILE A 362 3.81 -6.26 13.33
CA ILE A 362 5.20 -6.52 12.92
C ILE A 362 5.26 -7.69 11.94
N ARG A 363 4.50 -8.75 12.21
CA ARG A 363 4.47 -9.89 11.28
C ARG A 363 3.88 -9.50 9.93
N GLN A 364 2.89 -8.61 9.92
CA GLN A 364 2.23 -8.24 8.67
C GLN A 364 3.23 -7.63 7.69
N GLY A 365 4.12 -6.76 8.18
CA GLY A 365 5.13 -6.15 7.33
C GLY A 365 5.33 -4.67 7.58
N GLY A 366 4.49 -4.08 8.44
CA GLY A 366 4.58 -2.66 8.72
C GLY A 366 3.73 -1.82 7.79
N ASP A 367 4.23 -0.63 7.45
CA ASP A 367 3.52 0.29 6.57
C ASP A 367 4.55 1.16 5.86
N PHE A 368 4.06 1.96 4.91
CA PHE A 368 4.92 2.91 4.20
C PHE A 368 4.87 4.32 4.79
N MET A 369 4.20 4.50 5.92
CA MET A 369 4.21 5.76 6.65
C MET A 369 5.09 5.63 7.89
N HIS A 370 5.49 6.78 8.43
CA HIS A 370 6.56 6.80 9.43
C HIS A 370 6.18 6.06 10.70
N GLY A 371 5.04 6.42 11.30
CA GLY A 371 4.68 5.82 12.58
C GLY A 371 3.20 5.54 12.77
N ARG A 372 2.48 5.34 11.68
CA ARG A 372 1.01 5.33 11.75
C ARG A 372 0.48 4.12 12.51
N VAL A 373 0.97 2.92 12.19
CA VAL A 373 0.34 1.69 12.65
C VAL A 373 0.86 1.18 13.98
N LEU A 374 1.81 1.88 14.61
CA LEU A 374 2.37 1.46 15.88
C LEU A 374 1.94 2.35 17.05
N LEU A 375 0.85 3.11 16.89
CA LEU A 375 0.38 4.00 17.92
C LEU A 375 -0.68 3.38 18.82
N THR A 376 -1.51 2.50 18.28
CA THR A 376 -2.50 1.79 19.11
C THR A 376 -1.85 0.87 20.14
N PRO A 377 -0.87 0.02 19.79
CA PRO A 377 -0.19 -0.75 20.85
C PRO A 377 0.48 0.12 21.90
N LEU A 378 1.05 1.26 21.48
CA LEU A 378 1.67 2.17 22.43
C LEU A 378 0.64 2.74 23.39
N PHE A 379 -0.54 3.12 22.86
CA PHE A 379 -1.63 3.59 23.72
C PHE A 379 -2.08 2.50 24.69
N CYS A 380 -2.16 1.26 24.22
CA CYS A 380 -2.59 0.17 25.09
C CYS A 380 -1.58 -0.13 26.19
N LEU A 381 -0.29 -0.07 25.88
CA LEU A 381 0.73 -0.41 26.87
C LEU A 381 0.86 0.64 27.96
N LEU A 382 0.54 1.89 27.67
CA LEU A 382 0.72 3.00 28.59
C LEU A 382 -0.51 3.29 29.44
N ALA A 383 -1.58 2.52 29.27
CA ALA A 383 -2.82 2.78 30.01
C ALA A 383 -2.68 2.61 31.51
N PRO A 384 -2.08 1.53 32.05
CA PRO A 384 -2.01 1.37 33.51
C PRO A 384 -1.16 2.42 34.22
N VAL A 385 -0.30 3.15 33.51
CA VAL A 385 0.54 4.15 34.14
C VAL A 385 0.20 5.55 33.59
N ALA A 386 -1.05 5.74 33.16
CA ALA A 386 -1.44 7.05 32.65
C ALA A 386 -1.36 8.12 33.73
N VAL A 387 -1.53 7.74 34.99
CA VAL A 387 -1.41 8.67 36.11
C VAL A 387 -0.90 7.87 37.31
N ILE A 388 -0.04 8.49 38.11
CA ILE A 388 0.59 7.78 39.23
C ILE A 388 0.38 8.56 40.52
N PRO A 389 0.22 7.87 41.66
CA PRO A 389 0.10 8.56 42.94
C PRO A 389 1.43 8.72 43.65
N LEU A 390 1.59 9.89 44.28
CA LEU A 390 2.75 10.20 45.10
C LEU A 390 2.26 10.45 46.52
N LEU A 391 2.81 9.71 47.48
CA LEU A 391 2.32 9.75 48.85
C LEU A 391 3.44 9.38 49.81
N LEU A 392 3.28 9.80 51.06
CA LEU A 392 4.21 9.46 52.13
C LEU A 392 3.92 8.06 52.66
N PRO A 393 4.92 7.19 52.75
CA PRO A 393 4.66 5.80 53.17
C PRO A 393 4.12 5.71 54.59
N ASP A 394 3.38 4.63 54.85
CA ASP A 394 2.72 4.44 56.13
C ASP A 394 3.74 4.17 57.24
N ARG A 395 3.30 4.44 58.47
CA ARG A 395 4.15 4.19 59.64
C ARG A 395 4.31 2.71 59.95
N SER A 396 3.39 1.87 59.50
CA SER A 396 3.40 0.45 59.82
C SER A 396 4.27 -0.36 58.89
N ARG A 397 4.91 0.26 57.90
CA ARG A 397 5.82 -0.45 57.00
C ARG A 397 7.23 0.09 57.02
N MET A 398 7.42 1.40 57.02
CA MET A 398 8.73 2.00 57.12
C MET A 398 8.66 3.20 58.05
N ALA A 399 9.63 3.32 58.94
CA ALA A 399 9.56 4.26 60.06
C ALA A 399 10.42 5.48 59.78
N ARG A 400 9.78 6.66 59.80
CA ARG A 400 10.45 7.95 59.72
C ARG A 400 11.29 8.08 58.46
N GLY A 401 12.62 8.11 58.63
CA GLY A 401 13.52 8.43 57.53
C GLY A 401 13.44 7.47 56.36
N ALA A 402 12.86 6.30 56.56
CA ALA A 402 12.69 5.37 55.45
C ALA A 402 11.53 5.77 54.53
N GLY A 403 10.60 6.59 55.02
CA GLY A 403 9.54 7.08 54.17
C GLY A 403 9.90 8.37 53.45
N TYR A 404 10.81 9.13 54.05
CA TYR A 404 11.30 10.36 53.41
C TYR A 404 12.16 10.06 52.19
N LEU A 405 12.75 8.88 52.10
CA LEU A 405 13.59 8.52 50.97
C LEU A 405 12.83 7.80 49.87
N TYR A 406 11.68 7.19 50.20
CA TYR A 406 10.87 6.52 49.19
C TYR A 406 10.19 7.50 48.26
N ALA A 407 9.78 8.67 48.77
CA ALA A 407 9.15 9.67 47.92
C ALA A 407 10.15 10.38 47.02
N GLY A 408 11.39 10.54 47.48
CA GLY A 408 12.39 11.23 46.67
C GLY A 408 12.71 10.52 45.37
N ALA A 409 12.80 9.19 45.42
CA ALA A 409 13.09 8.44 44.19
C ALA A 409 11.94 8.57 43.20
N THR A 410 10.70 8.53 43.68
CA THR A 410 9.55 8.69 42.80
C THR A 410 9.54 10.07 42.16
N ALA A 411 9.82 11.10 42.96
CA ALA A 411 9.87 12.46 42.43
C ALA A 411 10.96 12.62 41.37
N VAL A 412 12.14 12.06 41.63
CA VAL A 412 13.24 12.18 40.67
C VAL A 412 12.93 11.43 39.39
N LEU A 413 12.33 10.24 39.50
CA LEU A 413 11.97 9.49 38.29
C LEU A 413 10.94 10.25 37.46
N TRP A 414 9.94 10.84 38.12
CA TRP A 414 8.95 11.63 37.38
C TRP A 414 9.59 12.83 36.71
N LEU A 415 10.53 13.49 37.40
CA LEU A 415 11.22 14.63 36.81
C LEU A 415 12.03 14.22 35.59
N ALA A 416 12.70 13.08 35.64
CA ALA A 416 13.46 12.60 34.49
C ALA A 416 12.54 12.29 33.31
N VAL A 417 11.38 11.68 33.59
CA VAL A 417 10.42 11.40 32.52
C VAL A 417 9.93 12.70 31.89
N ALA A 418 9.63 13.71 32.71
CA ALA A 418 9.19 14.99 32.19
C ALA A 418 10.27 15.66 31.34
N GLY A 419 11.53 15.58 31.78
CA GLY A 419 12.61 16.13 30.98
C GLY A 419 12.75 15.45 29.63
N TRP A 420 12.61 14.12 29.61
CA TRP A 420 12.65 13.41 28.33
C TRP A 420 11.52 13.86 27.42
N ALA A 421 10.31 14.02 27.98
CA ALA A 421 9.17 14.45 27.15
C ALA A 421 9.40 15.84 26.57
N LEU A 422 9.91 16.75 27.38
CA LEU A 422 10.18 18.10 26.91
C LEU A 422 11.24 18.10 25.81
N TRP A 423 12.28 17.28 25.95
CA TRP A 423 13.28 17.19 24.89
C TRP A 423 12.69 16.62 23.62
N ALA A 424 11.91 15.54 23.73
CA ALA A 424 11.42 14.83 22.55
C ALA A 424 10.30 15.56 21.83
N ALA A 425 9.65 16.52 22.49
CA ALA A 425 8.61 17.30 21.79
C ALA A 425 9.20 18.10 20.63
N ASN A 426 10.35 18.72 20.83
CA ASN A 426 10.97 19.58 19.82
C ASN A 426 12.00 18.80 18.99
N SER A 427 11.55 17.71 18.38
CA SER A 427 12.49 16.87 17.65
C SER A 427 12.32 17.07 16.14
N PRO A 428 13.44 17.20 15.40
CA PRO A 428 13.35 17.40 13.95
C PRO A 428 12.50 16.36 13.23
N GLY A 429 12.56 15.10 13.64
CA GLY A 429 11.71 14.07 13.09
C GLY A 429 12.51 13.00 12.37
N MET A 430 11.94 12.49 11.27
CA MET A 430 12.57 11.40 10.54
C MET A 430 13.90 11.82 9.94
N GLY A 431 13.98 13.04 9.41
CA GLY A 431 15.20 13.57 8.86
C GLY A 431 15.04 13.98 7.41
N ALA A 432 16.17 14.18 6.75
CA ALA A 432 16.17 14.56 5.34
C ALA A 432 16.12 13.33 4.44
N ASP A 433 15.18 12.43 4.72
CA ASP A 433 14.95 11.27 3.88
C ASP A 433 13.47 10.97 3.69
N ALA A 434 12.61 11.94 4.00
CA ALA A 434 11.16 11.77 3.93
C ALA A 434 10.56 12.52 2.74
N THR A 435 11.33 12.68 1.67
CA THR A 435 10.86 13.37 0.47
C THR A 435 11.14 12.59 -0.81
N ARG A 436 11.86 11.48 -0.73
CA ARG A 436 12.21 10.69 -1.91
C ARG A 436 11.92 9.23 -1.61
N VAL A 437 12.01 8.40 -2.65
CA VAL A 437 11.84 6.96 -2.53
C VAL A 437 13.22 6.35 -2.27
N THR A 438 13.45 5.90 -1.03
CA THR A 438 14.70 5.29 -0.66
C THR A 438 14.62 3.77 -0.84
N TYR A 439 15.59 3.04 -0.29
CA TYR A 439 15.57 1.58 -0.35
C TYR A 439 14.33 1.02 0.33
N SER A 440 13.84 1.68 1.38
CA SER A 440 12.58 1.33 2.00
C SER A 440 11.51 2.35 1.61
N GLY A 441 10.26 1.91 1.64
CA GLY A 441 9.17 2.76 1.24
C GLY A 441 8.62 3.68 2.31
N ILE A 442 9.24 3.71 3.49
CA ILE A 442 8.72 4.52 4.58
C ILE A 442 9.01 5.99 4.32
N VAL A 443 7.99 6.83 4.48
CA VAL A 443 8.08 8.27 4.21
C VAL A 443 7.16 8.99 5.17
N ASP A 444 7.44 10.27 5.40
CA ASP A 444 6.59 11.13 6.22
C ASP A 444 5.59 11.83 5.29
N GLU A 445 4.31 11.49 5.42
CA GLU A 445 3.30 11.93 4.47
C GLU A 445 3.01 13.42 4.58
N ARG A 446 2.99 13.96 5.80
CA ARG A 446 2.57 15.35 5.99
C ARG A 446 3.53 16.31 5.30
N ARG A 447 4.83 16.15 5.53
CA ARG A 447 5.79 16.99 4.82
C ARG A 447 5.81 16.69 3.33
N PHE A 448 5.62 15.43 2.94
CA PHE A 448 5.60 15.09 1.52
C PHE A 448 4.52 15.88 0.80
N TYR A 449 3.30 15.88 1.34
CA TYR A 449 2.21 16.61 0.69
C TYR A 449 2.30 18.11 0.92
N SER A 450 2.99 18.56 1.97
CA SER A 450 3.20 20.00 2.13
C SER A 450 4.12 20.55 1.05
N GLN A 451 5.20 19.84 0.73
CA GLN A 451 6.06 20.26 -0.38
C GLN A 451 5.47 19.93 -1.74
N ALA A 452 4.65 18.89 -1.86
CA ALA A 452 4.03 18.57 -3.14
C ALA A 452 3.11 19.69 -3.60
N THR A 453 2.30 20.23 -2.69
CA THR A 453 1.55 21.44 -2.93
C THR A 453 2.39 22.63 -2.49
N GLY A 454 1.78 23.80 -2.35
CA GLY A 454 2.51 24.95 -1.87
C GLY A 454 1.92 25.56 -0.61
N HIS A 455 1.28 24.74 0.22
CA HIS A 455 0.57 25.20 1.40
C HIS A 455 1.12 24.54 2.65
N ALA A 456 1.26 25.33 3.71
CA ALA A 456 1.74 24.80 4.99
C ALA A 456 0.66 24.01 5.72
N HIS A 457 -0.60 24.35 5.50
CA HIS A 457 -1.74 23.63 6.09
C HIS A 457 -2.72 23.30 4.98
N PRO A 458 -2.49 22.22 4.24
CA PRO A 458 -3.47 21.81 3.22
C PRO A 458 -4.66 21.10 3.84
N LEU A 459 -5.79 21.80 3.93
CA LEU A 459 -6.97 21.29 4.65
C LEU A 459 -8.14 20.96 3.75
N THR A 460 -8.29 21.62 2.62
CA THR A 460 -9.42 21.44 1.72
C THR A 460 -8.96 20.79 0.41
N ALA A 461 -9.95 20.44 -0.41
CA ALA A 461 -9.68 19.88 -1.73
C ALA A 461 -9.29 20.94 -2.75
N ALA A 462 -9.59 22.21 -2.47
CA ALA A 462 -9.11 23.29 -3.32
C ALA A 462 -7.64 23.57 -3.14
N ASP A 463 -7.07 23.15 -2.00
CA ASP A 463 -5.63 23.29 -1.79
C ASP A 463 -4.84 22.27 -2.60
N TYR A 464 -5.47 21.14 -2.93
CA TYR A 464 -4.81 20.06 -3.66
C TYR A 464 -4.84 20.25 -5.16
N LEU A 465 -5.45 21.33 -5.66
CA LEU A 465 -5.44 21.63 -7.08
C LEU A 465 -4.05 22.01 -7.58
N ASP A 466 -3.10 22.26 -6.69
CA ASP A 466 -1.75 22.64 -7.05
C ASP A 466 -0.83 21.44 -7.23
N TYR A 467 -1.35 20.23 -7.12
CA TYR A 467 -0.60 19.04 -7.51
C TYR A 467 -0.31 19.11 -9.01
N PRO A 468 0.82 18.55 -9.45
CA PRO A 468 1.27 18.81 -10.84
C PRO A 468 0.31 18.42 -11.94
N ARG A 469 -0.57 17.42 -11.74
CA ARG A 469 -1.48 16.99 -12.79
C ARG A 469 -2.95 17.27 -12.48
N MET A 470 -3.22 18.27 -11.65
CA MET A 470 -4.58 18.49 -11.17
C MET A 470 -5.37 19.53 -11.95
N ARG A 471 -4.73 20.61 -12.40
CA ARG A 471 -5.43 21.62 -13.18
C ARG A 471 -5.69 21.20 -14.62
N ALA A 472 -4.89 20.25 -15.14
CA ALA A 472 -5.04 19.83 -16.52
C ALA A 472 -6.23 18.90 -16.73
N VAL A 473 -6.61 18.12 -15.71
CA VAL A 473 -7.70 17.17 -15.87
C VAL A 473 -9.02 17.89 -16.08
N LEU A 474 -9.21 19.05 -15.45
CA LEU A 474 -10.46 19.80 -15.63
C LEU A 474 -10.62 20.26 -17.07
N THR A 475 -9.55 20.81 -17.64
CA THR A 475 -9.60 21.24 -19.04
C THR A 475 -9.73 20.05 -19.98
N ALA A 476 -9.08 18.93 -19.66
CA ALA A 476 -9.18 17.75 -20.49
C ALA A 476 -10.61 17.21 -20.51
N ILE A 477 -11.30 17.25 -19.36
CA ILE A 477 -12.69 16.83 -19.33
C ILE A 477 -13.58 17.82 -20.06
N GLU A 478 -13.31 19.12 -19.91
CA GLU A 478 -14.17 20.13 -20.54
C GLU A 478 -13.99 20.18 -22.05
N ASN A 479 -12.84 19.76 -22.58
CA ASN A 479 -12.59 19.79 -24.01
C ASN A 479 -13.09 18.54 -24.75
N THR A 480 -13.70 17.59 -24.06
CA THR A 480 -14.21 16.36 -24.68
C THR A 480 -15.68 16.22 -24.33
N PRO A 481 -16.57 16.89 -25.07
CA PRO A 481 -18.00 16.75 -24.79
C PRO A 481 -18.52 15.34 -24.96
N ASP A 482 -17.95 14.55 -25.85
CA ASP A 482 -18.41 13.20 -26.13
C ASP A 482 -17.74 12.15 -25.25
N GLY A 483 -16.89 12.55 -24.32
CA GLY A 483 -16.30 11.63 -23.37
C GLY A 483 -15.04 10.97 -23.90
N ALA A 484 -14.25 10.44 -22.98
CA ALA A 484 -12.97 9.81 -23.31
C ALA A 484 -12.41 9.10 -22.09
N LEU A 485 -11.33 8.36 -22.32
CA LEU A 485 -10.55 7.73 -21.27
C LEU A 485 -9.23 8.49 -21.13
N LEU A 486 -8.90 8.86 -19.91
CA LEU A 486 -7.74 9.70 -19.60
C LEU A 486 -6.66 8.86 -18.93
N LEU A 487 -5.45 8.93 -19.47
CA LEU A 487 -4.31 8.21 -18.94
C LEU A 487 -3.17 9.18 -18.67
N PRO A 488 -2.29 8.86 -17.71
CA PRO A 488 -1.07 9.67 -17.55
C PRO A 488 -0.19 9.58 -18.78
N SER A 489 0.47 10.69 -19.11
CA SER A 489 1.35 10.76 -20.26
C SER A 489 2.81 10.66 -19.82
N GLY A 490 3.59 9.86 -20.54
CA GLY A 490 4.98 9.64 -20.17
C GLY A 490 5.95 10.68 -20.65
N ASP A 491 5.49 11.68 -21.40
CA ASP A 491 6.35 12.73 -21.93
C ASP A 491 6.25 14.03 -21.14
N TYR A 492 5.05 14.41 -20.73
CA TYR A 492 4.80 15.65 -20.00
C TYR A 492 3.85 15.39 -18.84
N ASP A 493 3.45 16.47 -18.17
CA ASP A 493 2.53 16.39 -17.04
C ASP A 493 1.08 16.67 -17.45
N ARG A 494 0.70 16.35 -18.68
CA ARG A 494 -0.69 16.38 -19.10
C ARG A 494 -1.22 14.94 -19.22
N TRP A 495 -2.39 14.80 -19.84
CA TRP A 495 -3.06 13.51 -19.97
C TRP A 495 -3.16 13.11 -21.43
N ASP A 496 -3.15 11.80 -21.67
CA ASP A 496 -3.42 11.22 -22.97
C ASP A 496 -4.88 10.81 -23.05
N VAL A 497 -5.48 11.01 -24.23
CA VAL A 497 -6.91 10.88 -24.45
C VAL A 497 -7.17 9.73 -25.41
N VAL A 498 -8.04 8.80 -25.01
CA VAL A 498 -8.57 7.78 -25.91
C VAL A 498 -10.05 8.03 -26.12
N PRO A 499 -10.49 8.34 -27.34
CA PRO A 499 -11.89 8.73 -27.55
C PRO A 499 -12.84 7.55 -27.40
N ALA A 500 -14.12 7.89 -27.22
CA ALA A 500 -15.19 6.91 -27.13
C ALA A 500 -15.95 6.81 -28.45
N LEU A 501 -16.73 5.75 -28.59
CA LEU A 501 -17.53 5.58 -29.79
C LEU A 501 -18.61 6.65 -29.87
N PRO A 502 -18.83 7.26 -31.03
CA PRO A 502 -19.82 8.33 -31.11
C PRO A 502 -21.23 7.79 -30.95
N PRO A 503 -22.16 8.59 -30.43
CA PRO A 503 -23.51 8.09 -30.23
C PRO A 503 -24.23 7.92 -31.55
N PRO A 504 -25.18 6.99 -31.63
CA PRO A 504 -25.96 6.83 -32.86
C PRO A 504 -27.02 7.91 -32.97
N PRO A 505 -27.52 8.16 -34.18
CA PRO A 505 -28.63 9.12 -34.33
C PRO A 505 -29.89 8.62 -33.63
N ASP A 506 -30.75 9.58 -33.28
CA ASP A 506 -31.97 9.42 -32.51
C ASP A 506 -31.70 9.15 -31.03
N VAL A 507 -30.45 9.03 -30.63
CA VAL A 507 -30.09 8.90 -29.22
C VAL A 507 -29.30 10.13 -28.74
N ARG A 508 -28.50 10.72 -29.62
CA ARG A 508 -27.87 12.00 -29.30
C ARG A 508 -28.90 13.11 -29.19
N ALA A 509 -29.88 13.13 -30.10
CA ALA A 509 -30.89 14.18 -30.07
C ALA A 509 -31.78 14.08 -28.84
N ALA A 510 -32.14 12.85 -28.45
CA ALA A 510 -33.03 12.64 -27.30
C ALA A 510 -32.26 12.68 -25.99
N ALA A 511 -31.70 13.86 -25.71
CA ALA A 511 -30.92 14.10 -24.50
C ALA A 511 -31.40 15.38 -23.83
N VAL A 512 -31.28 15.43 -22.52
CA VAL A 512 -31.72 16.58 -21.72
C VAL A 512 -30.52 17.46 -21.42
N GLY A 513 -30.64 18.75 -21.72
CA GLY A 513 -29.54 19.67 -21.50
C GLY A 513 -28.28 19.32 -22.27
N GLY A 514 -28.44 18.85 -23.51
CA GLY A 514 -27.32 18.43 -24.31
C GLY A 514 -26.89 17.01 -24.00
N TYR A 515 -25.94 16.51 -24.80
CA TYR A 515 -25.42 15.16 -24.67
C TYR A 515 -24.00 15.21 -24.15
N VAL A 516 -23.70 14.43 -23.12
CA VAL A 516 -22.37 14.30 -22.56
C VAL A 516 -22.00 12.82 -22.54
N GLY A 517 -20.85 12.49 -23.11
CA GLY A 517 -20.41 11.12 -23.21
C GLY A 517 -19.76 10.63 -21.94
N PRO A 518 -19.35 9.36 -21.96
CA PRO A 518 -18.76 8.75 -20.76
C PRO A 518 -17.30 9.18 -20.58
N HIS A 519 -16.98 9.62 -19.37
CA HIS A 519 -15.62 10.04 -19.02
C HIS A 519 -15.06 9.07 -17.98
N THR A 520 -13.85 8.58 -18.23
CA THR A 520 -13.17 7.71 -17.28
C THR A 520 -11.73 8.19 -17.11
N VAL A 521 -11.22 8.11 -15.88
CA VAL A 521 -9.87 8.55 -15.55
C VAL A 521 -9.14 7.38 -14.90
N PHE A 522 -7.92 7.10 -15.38
CA PHE A 522 -7.09 6.02 -14.86
C PHE A 522 -5.88 6.62 -14.17
N PHE A 523 -5.77 6.38 -12.86
CA PHE A 523 -4.70 6.99 -12.07
C PHE A 523 -4.49 6.16 -10.81
N THR A 524 -3.65 6.67 -9.90
CA THR A 524 -3.27 5.99 -8.67
C THR A 524 -3.76 6.69 -7.41
N ASN A 525 -3.78 8.02 -7.38
CA ASN A 525 -4.25 8.78 -6.23
C ASN A 525 -5.69 9.22 -6.49
N LEU A 526 -6.61 8.74 -5.65
CA LEU A 526 -8.04 8.86 -5.93
C LEU A 526 -8.74 9.97 -5.16
N GLY A 527 -8.28 10.30 -3.95
CA GLY A 527 -9.02 11.27 -3.13
C GLY A 527 -9.08 12.64 -3.76
N MET A 528 -7.93 13.14 -4.23
CA MET A 528 -7.90 14.47 -4.83
C MET A 528 -8.70 14.52 -6.12
N LEU A 529 -8.64 13.46 -6.93
CA LEU A 529 -9.47 13.38 -8.12
C LEU A 529 -10.93 13.17 -7.78
N GLY A 530 -11.20 12.28 -6.82
CA GLY A 530 -12.57 11.94 -6.48
C GLY A 530 -13.35 13.10 -5.90
N MET A 531 -12.69 13.96 -5.13
CA MET A 531 -13.35 15.09 -4.51
C MET A 531 -13.39 16.32 -5.41
N ASN A 532 -12.95 16.19 -6.66
CA ASN A 532 -12.89 17.31 -7.60
C ASN A 532 -13.63 17.07 -8.90
N VAL A 533 -13.59 15.87 -9.47
CA VAL A 533 -14.08 15.68 -10.83
C VAL A 533 -15.60 15.75 -10.88
N GLY A 534 -16.30 15.13 -9.94
CA GLY A 534 -17.74 15.06 -9.97
C GLY A 534 -18.24 13.64 -9.75
N LEU A 535 -19.56 13.54 -9.59
CA LEU A 535 -20.20 12.27 -9.26
C LEU A 535 -20.63 11.47 -10.47
N ASP A 536 -20.52 12.03 -11.68
CA ASP A 536 -20.84 11.32 -12.91
C ASP A 536 -19.60 10.93 -13.70
N VAL A 537 -18.41 11.07 -13.12
CA VAL A 537 -17.16 10.68 -13.75
C VAL A 537 -16.61 9.48 -13.01
N ARG A 538 -16.26 8.43 -13.75
CA ARG A 538 -15.80 7.19 -13.14
C ARG A 538 -14.31 7.29 -12.81
N VAL A 539 -13.92 7.19 -11.55
CA VAL A 539 -12.51 7.31 -11.09
C VAL A 539 -12.01 5.93 -10.63
N ILE A 540 -11.02 5.31 -11.29
CA ILE A 540 -10.58 3.91 -10.99
C ILE A 540 -9.10 3.88 -10.65
N ASP A 541 -8.63 2.90 -9.88
CA ASP A 541 -7.21 2.79 -9.60
C ASP A 541 -6.66 1.49 -10.18
N GLN A 542 -5.40 1.20 -9.87
CA GLN A 542 -4.71 0.04 -10.40
C GLN A 542 -4.52 -1.09 -9.39
N ILE A 543 -4.37 -0.77 -8.10
CA ILE A 543 -4.18 -1.80 -7.10
C ILE A 543 -5.46 -2.61 -6.89
N GLY A 544 -6.60 -1.93 -6.80
CA GLY A 544 -7.87 -2.60 -6.63
C GLY A 544 -8.70 -2.11 -5.46
N LEU A 545 -8.40 -0.91 -4.96
CA LEU A 545 -9.22 -0.33 -3.90
C LEU A 545 -10.63 -0.03 -4.39
N ALA A 546 -10.76 0.48 -5.63
CA ALA A 546 -12.05 0.76 -6.24
C ALA A 546 -12.23 0.05 -7.56
N ASN A 547 -11.29 -0.81 -7.96
CA ASN A 547 -11.35 -1.53 -9.22
C ASN A 547 -11.71 -2.99 -8.92
N PRO A 548 -12.92 -3.44 -9.27
CA PRO A 548 -13.27 -4.84 -9.00
C PRO A 548 -12.49 -5.84 -9.84
N LEU A 549 -11.98 -5.43 -11.00
CA LEU A 549 -11.25 -6.36 -11.86
C LEU A 549 -9.85 -6.65 -11.32
N ALA A 550 -9.18 -5.62 -10.79
CA ALA A 550 -7.82 -5.78 -10.30
C ALA A 550 -7.75 -6.41 -8.91
N ALA A 551 -8.89 -6.52 -8.21
CA ALA A 551 -8.91 -7.18 -6.91
C ALA A 551 -9.04 -8.70 -7.02
N HIS A 552 -9.34 -9.22 -8.22
CA HIS A 552 -9.48 -10.65 -8.43
C HIS A 552 -8.28 -11.26 -9.15
N THR A 553 -7.14 -10.58 -9.13
CA THR A 553 -5.94 -11.06 -9.81
C THR A 553 -5.00 -11.71 -8.79
N ALA A 554 -4.25 -12.70 -9.27
CA ALA A 554 -3.31 -13.44 -8.44
C ALA A 554 -1.97 -12.71 -8.32
N ARG A 555 -1.11 -13.23 -7.45
CA ARG A 555 0.18 -12.63 -7.17
C ARG A 555 1.31 -13.51 -7.69
N LEU A 556 2.33 -12.88 -8.28
CA LEU A 556 3.52 -13.56 -8.78
C LEU A 556 4.79 -13.15 -8.08
N THR A 557 4.94 -11.88 -7.74
CA THR A 557 6.19 -11.34 -7.22
C THR A 557 5.89 -10.46 -6.01
N ASP A 558 6.83 -10.43 -5.05
CA ASP A 558 6.60 -9.69 -3.82
C ASP A 558 6.74 -8.18 -4.03
N GLY A 559 7.94 -7.72 -4.34
CA GLY A 559 8.11 -6.30 -4.62
C GLY A 559 8.01 -5.39 -3.40
N ARG A 560 7.63 -4.14 -3.66
CA ARG A 560 7.54 -3.11 -2.63
C ARG A 560 6.19 -3.16 -1.92
N ILE A 561 6.19 -2.73 -0.67
CA ILE A 561 4.98 -2.79 0.16
C ILE A 561 3.99 -1.75 -0.35
N GLY A 562 2.86 -2.23 -0.89
CA GLY A 562 1.77 -1.38 -1.32
C GLY A 562 1.85 -0.83 -2.72
N HIS A 563 2.96 -1.03 -3.41
CA HIS A 563 3.15 -0.45 -4.75
C HIS A 563 3.75 -1.55 -5.61
N ASP A 564 3.17 -2.75 -5.56
CA ASP A 564 3.74 -3.94 -6.17
C ASP A 564 2.81 -4.72 -7.09
N LYS A 565 1.52 -4.39 -7.13
CA LYS A 565 0.54 -5.18 -7.87
C LYS A 565 -0.35 -4.22 -8.67
N ASN A 566 0.09 -3.88 -9.88
CA ASN A 566 -0.58 -2.91 -10.72
C ASN A 566 -1.05 -3.57 -12.02
N LEU A 567 -2.25 -3.22 -12.45
CA LEU A 567 -2.82 -3.78 -13.66
C LEU A 567 -2.41 -2.95 -14.88
N PHE A 568 -2.29 -3.62 -16.02
CA PHE A 568 -1.93 -2.95 -17.26
C PHE A 568 -3.08 -2.06 -17.73
N PRO A 569 -2.76 -0.92 -18.36
CA PRO A 569 -3.84 -0.08 -18.93
C PRO A 569 -4.59 -0.75 -20.07
N ASP A 570 -4.03 -1.81 -20.66
CA ASP A 570 -4.71 -2.52 -21.73
C ASP A 570 -6.01 -3.16 -21.24
N TRP A 571 -6.06 -3.62 -19.99
CA TRP A 571 -7.30 -4.11 -19.43
C TRP A 571 -8.34 -2.99 -19.34
N ALA A 572 -7.91 -1.79 -18.96
CA ALA A 572 -8.83 -0.66 -18.88
C ALA A 572 -9.35 -0.27 -20.26
N VAL A 573 -8.52 -0.33 -21.28
CA VAL A 573 -8.98 -0.05 -22.63
C VAL A 573 -9.93 -1.14 -23.11
N ALA A 574 -9.68 -2.39 -22.72
CA ALA A 574 -10.50 -3.50 -23.19
C ALA A 574 -11.95 -3.38 -22.72
N GLU A 575 -12.15 -3.02 -21.46
CA GLU A 575 -13.50 -2.84 -20.91
C GLU A 575 -13.83 -1.34 -20.85
N GLY A 576 -14.87 -0.95 -21.58
CA GLY A 576 -15.20 0.45 -21.73
C GLY A 576 -15.58 0.78 -23.15
N PRO A 577 -16.42 1.82 -23.33
CA PRO A 577 -16.95 2.18 -24.66
C PRO A 577 -15.99 3.01 -25.51
N PHE A 578 -14.75 2.55 -25.61
CA PHE A 578 -13.69 3.33 -26.25
C PHE A 578 -13.12 2.58 -27.45
N LEU A 579 -12.43 3.33 -28.31
CA LEU A 579 -11.83 2.77 -29.51
C LEU A 579 -10.62 1.90 -29.15
N LYS A 580 -10.28 0.96 -30.05
CA LYS A 580 -9.25 -0.02 -29.77
C LYS A 580 -8.34 -0.27 -30.97
N GLU A 581 -8.02 0.77 -31.73
CA GLU A 581 -7.24 0.62 -32.94
C GLU A 581 -6.08 1.62 -32.94
N PRO A 582 -4.97 1.28 -33.61
CA PRO A 582 -3.75 2.10 -33.50
C PRO A 582 -3.88 3.54 -33.97
N PRO A 583 -4.78 3.91 -34.90
CA PRO A 583 -4.92 5.34 -35.20
C PRO A 583 -5.54 6.16 -34.08
N TRP A 584 -5.93 5.55 -32.96
CA TRP A 584 -6.58 6.29 -31.88
C TRP A 584 -6.00 5.98 -30.50
N ILE A 585 -4.91 5.23 -30.41
CA ILE A 585 -4.36 4.83 -29.12
C ILE A 585 -2.88 5.21 -29.06
N PRO A 586 -2.32 5.43 -27.87
CA PRO A 586 -0.89 5.74 -27.78
C PRO A 586 -0.03 4.56 -28.20
N GLN A 587 1.24 4.84 -28.45
CA GLN A 587 2.16 3.85 -29.01
C GLN A 587 2.74 2.92 -27.97
N TYR A 588 2.49 3.12 -26.68
CA TYR A 588 3.01 2.24 -25.65
C TYR A 588 2.00 1.19 -25.21
N LEU A 589 0.91 1.00 -25.97
CA LEU A 589 -0.07 -0.03 -25.72
C LEU A 589 -0.03 -1.06 -26.85
N ASP A 590 -0.28 -2.32 -26.50
CA ASP A 590 -0.29 -3.43 -27.44
C ASP A 590 -1.72 -3.79 -27.78
N GLU A 591 -2.04 -3.79 -29.09
CA GLU A 591 -3.40 -4.06 -29.52
C GLU A 591 -3.76 -5.55 -29.47
N ASP A 592 -2.78 -6.43 -29.65
CA ASP A 592 -3.03 -7.85 -29.49
C ASP A 592 -3.43 -8.17 -28.06
N TRP A 593 -2.77 -7.54 -27.08
CA TRP A 593 -3.16 -7.70 -25.69
C TRP A 593 -4.59 -7.20 -25.46
N ILE A 594 -4.96 -6.10 -26.12
CA ILE A 594 -6.31 -5.56 -25.98
C ILE A 594 -7.35 -6.55 -26.51
N ARG A 595 -7.09 -7.13 -27.68
CA ARG A 595 -8.03 -8.11 -28.23
C ARG A 595 -8.12 -9.35 -27.35
N GLN A 596 -6.97 -9.81 -26.84
CA GLN A 596 -6.99 -10.99 -25.98
C GLN A 596 -7.78 -10.74 -24.70
N ALA A 597 -7.60 -9.56 -24.09
CA ALA A 597 -8.35 -9.24 -22.89
C ALA A 597 -9.84 -9.11 -23.19
N GLU A 598 -10.19 -8.51 -24.32
CA GLU A 598 -11.59 -8.37 -24.70
C GLU A 598 -12.24 -9.74 -24.91
N ALA A 599 -11.51 -10.67 -25.52
CA ALA A 599 -12.03 -12.02 -25.70
C ALA A 599 -12.10 -12.78 -24.39
N ALA A 600 -11.16 -12.54 -23.47
CA ALA A 600 -11.17 -13.23 -22.19
C ALA A 600 -12.26 -12.73 -21.24
N LEU A 601 -12.70 -11.48 -21.40
CA LEU A 601 -13.70 -10.93 -20.50
C LEU A 601 -15.05 -11.63 -20.60
N LYS A 602 -15.30 -12.44 -21.63
CA LYS A 602 -16.57 -13.12 -21.81
C LYS A 602 -16.62 -14.50 -21.19
N CYS A 603 -15.79 -14.77 -20.19
CA CYS A 603 -15.85 -16.04 -19.50
C CYS A 603 -17.16 -16.15 -18.71
N PRO A 604 -17.82 -17.31 -18.75
CA PRO A 604 -19.09 -17.44 -18.01
C PRO A 604 -18.96 -17.21 -16.51
N GLU A 605 -17.83 -17.58 -15.90
CA GLU A 605 -17.67 -17.40 -14.46
C GLU A 605 -17.36 -15.96 -14.10
N THR A 606 -16.69 -15.23 -14.98
CA THR A 606 -16.42 -13.81 -14.73
C THR A 606 -17.70 -13.00 -14.85
N ASP A 607 -18.59 -13.39 -15.75
CA ASP A 607 -19.85 -12.67 -15.96
C ASP A 607 -20.70 -12.69 -14.70
N LYS A 608 -20.79 -13.83 -14.03
CA LYS A 608 -21.61 -13.94 -12.82
C LYS A 608 -21.12 -13.00 -11.73
N VAL A 609 -19.81 -12.99 -11.49
CA VAL A 609 -19.24 -12.11 -10.48
C VAL A 609 -19.44 -10.65 -10.86
N LEU A 610 -19.34 -10.35 -12.16
CA LEU A 610 -19.54 -8.96 -12.59
C LEU A 610 -20.98 -8.51 -12.38
N ASP A 611 -21.97 -9.35 -12.73
CA ASP A 611 -23.35 -8.91 -12.56
C ASP A 611 -23.82 -9.03 -11.12
N ALA A 612 -23.06 -9.67 -10.24
CA ALA A 612 -23.42 -9.66 -8.83
C ALA A 612 -23.45 -8.24 -8.26
N ILE A 613 -22.62 -7.34 -8.80
CA ILE A 613 -22.51 -5.98 -8.27
C ILE A 613 -22.95 -4.94 -9.29
N ARG A 614 -23.59 -5.34 -10.38
CA ARG A 614 -24.04 -4.41 -11.39
C ARG A 614 -25.51 -4.53 -11.75
N ALA A 615 -26.13 -5.69 -11.57
CA ALA A 615 -27.54 -5.84 -11.85
C ALA A 615 -28.37 -5.09 -10.80
N PRO A 616 -29.56 -4.61 -11.17
CA PRO A 616 -30.39 -3.88 -10.20
C PRO A 616 -30.76 -4.73 -9.00
N MET A 617 -30.79 -4.09 -7.83
CA MET A 617 -31.03 -4.79 -6.58
C MET A 617 -32.51 -5.08 -6.38
N GLY A 618 -32.81 -6.28 -5.89
CA GLY A 618 -34.16 -6.71 -5.59
C GLY A 618 -34.11 -7.69 -4.45
N PHE A 619 -35.08 -8.59 -4.42
CA PHE A 619 -35.12 -9.62 -3.37
C PHE A 619 -34.39 -10.89 -3.78
N ARG A 620 -34.63 -11.38 -5.00
CA ARG A 620 -33.90 -12.55 -5.48
C ARG A 620 -32.41 -12.26 -5.63
N ARG A 621 -32.05 -11.03 -6.00
CA ARG A 621 -30.64 -10.67 -6.07
C ARG A 621 -29.99 -10.74 -4.69
N PHE A 622 -30.69 -10.28 -3.66
CA PHE A 622 -30.17 -10.36 -2.30
C PHE A 622 -29.93 -11.80 -1.87
N LEU A 623 -30.90 -12.68 -2.14
CA LEU A 623 -30.78 -14.07 -1.75
C LEU A 623 -29.67 -14.79 -2.52
N SER A 624 -29.61 -14.57 -3.84
CA SER A 624 -28.56 -15.19 -4.63
C SER A 624 -27.19 -14.70 -4.20
N ASN A 625 -27.07 -13.42 -3.87
CA ASN A 625 -25.78 -12.89 -3.42
C ASN A 625 -25.40 -13.48 -2.07
N VAL A 626 -26.39 -13.74 -1.21
CA VAL A 626 -26.09 -14.36 0.09
C VAL A 626 -25.62 -15.79 -0.10
N MET A 627 -26.27 -16.54 -1.01
CA MET A 627 -25.92 -17.94 -1.20
C MET A 627 -24.55 -18.14 -1.85
N HIS A 628 -24.08 -17.20 -2.68
CA HIS A 628 -22.88 -17.39 -3.47
C HIS A 628 -21.72 -16.50 -3.06
N ALA A 629 -21.79 -15.86 -1.89
CA ALA A 629 -20.74 -14.94 -1.50
C ALA A 629 -19.42 -15.68 -1.25
N ALA A 630 -19.50 -16.87 -0.67
CA ALA A 630 -18.29 -17.62 -0.33
C ALA A 630 -17.50 -17.99 -1.57
N GLU A 631 -18.17 -18.44 -2.63
CA GLU A 631 -17.46 -18.82 -3.85
C GLU A 631 -17.01 -17.60 -4.65
N TYR A 632 -17.74 -16.49 -4.59
CA TYR A 632 -17.28 -15.27 -5.25
C TYR A 632 -16.04 -14.71 -4.56
N THR A 633 -15.95 -14.89 -3.24
CA THR A 633 -14.78 -14.38 -2.50
C THR A 633 -13.50 -15.08 -2.93
N ARG A 634 -13.55 -16.39 -3.12
CA ARG A 634 -12.36 -17.18 -3.45
C ARG A 634 -12.26 -17.40 -4.97
N TYR A 635 -12.25 -16.29 -5.71
CA TYR A 635 -12.15 -16.33 -7.16
C TYR A 635 -10.95 -15.50 -7.60
N ARG A 636 -10.12 -16.07 -8.47
CA ARG A 636 -8.91 -15.41 -8.93
C ARG A 636 -8.80 -15.53 -10.45
N ILE A 637 -8.14 -14.54 -11.05
CA ILE A 637 -7.86 -14.52 -12.48
C ILE A 637 -6.37 -14.23 -12.67
N ASP A 638 -5.92 -14.39 -13.91
CA ASP A 638 -4.52 -14.21 -14.26
C ASP A 638 -4.28 -12.87 -14.93
N ARG A 639 -3.10 -12.29 -14.67
CA ARG A 639 -2.77 -10.96 -15.18
C ARG A 639 -2.66 -10.96 -16.70
N VAL A 640 -1.92 -11.91 -17.26
CA VAL A 640 -1.65 -11.92 -18.70
C VAL A 640 -2.85 -12.51 -19.43
N PRO A 641 -3.42 -11.81 -20.41
CA PRO A 641 -4.63 -12.32 -21.08
C PRO A 641 -4.46 -13.66 -21.77
N LEU A 642 -3.30 -13.94 -22.34
CA LEU A 642 -3.12 -15.21 -23.05
C LEU A 642 -3.22 -16.39 -22.10
N TYR A 643 -2.60 -16.28 -20.93
CA TYR A 643 -2.68 -17.35 -19.94
C TYR A 643 -4.09 -17.47 -19.37
N GLU A 644 -4.80 -16.34 -19.30
CA GLU A 644 -6.22 -16.40 -18.88
C GLU A 644 -6.98 -17.25 -19.90
N LEU A 645 -6.89 -16.88 -21.18
CA LEU A 645 -7.55 -17.67 -22.25
C LEU A 645 -7.21 -19.14 -22.06
N ALA A 646 -5.92 -19.45 -21.88
CA ALA A 646 -5.51 -20.85 -21.73
C ALA A 646 -6.20 -21.51 -20.55
N ARG A 647 -6.33 -20.78 -19.44
CA ARG A 647 -6.97 -21.35 -18.25
C ARG A 647 -8.47 -21.56 -18.46
N CYS A 648 -9.17 -20.56 -19.00
CA CYS A 648 -10.61 -20.69 -19.21
C CYS A 648 -10.92 -21.77 -20.24
N GLY A 649 -10.19 -21.80 -21.35
CA GLY A 649 -10.44 -22.77 -22.39
C GLY A 649 -11.12 -22.18 -23.61
N LEU A 650 -10.75 -20.96 -23.97
CA LEU A 650 -11.32 -20.24 -25.10
C LEU A 650 -10.31 -20.11 -26.23
N PRO A 651 -10.77 -20.05 -27.47
CA PRO A 651 -9.84 -19.91 -28.60
C PRO A 651 -9.16 -18.55 -28.62
N VAL A 652 -7.97 -18.50 -29.20
CA VAL A 652 -7.17 -17.29 -29.30
C VAL A 652 -7.57 -16.50 -30.55
N PRO A 653 -7.83 -15.20 -30.43
CA PRO A 653 -8.19 -14.41 -31.61
C PRO A 653 -7.05 -14.33 -32.61
N GLU A 654 -7.41 -14.19 -33.89
CA GLU A 654 -6.42 -14.12 -34.96
C GLU A 654 -5.62 -12.82 -34.86
N PRO A 655 -4.37 -12.83 -35.32
CA PRO A 655 -3.57 -11.61 -35.28
C PRO A 655 -4.17 -10.51 -36.14
N VAL A 656 -4.03 -9.26 -35.66
CA VAL A 656 -4.61 -8.13 -36.38
C VAL A 656 -3.87 -7.88 -37.69
N ASP A 657 -2.55 -8.09 -37.71
CA ASP A 657 -1.72 -7.91 -38.90
C ASP A 657 -1.89 -6.51 -39.51
N ASP B 1 6.06 -16.88 -33.69
CA ASP B 1 7.47 -16.55 -33.49
C ASP B 1 7.95 -15.55 -34.54
N ILE B 2 8.69 -14.54 -34.09
CA ILE B 2 9.22 -13.52 -34.97
C ILE B 2 10.69 -13.81 -35.23
N GLN B 3 11.08 -13.75 -36.50
CA GLN B 3 12.45 -14.02 -36.89
C GLN B 3 12.97 -12.85 -37.71
N MET B 4 14.21 -12.43 -37.44
CA MET B 4 14.86 -11.35 -38.17
C MET B 4 16.04 -11.92 -38.94
N THR B 5 16.09 -11.61 -40.24
CA THR B 5 17.17 -12.06 -41.11
C THR B 5 18.02 -10.83 -41.46
N GLN B 6 19.25 -10.80 -40.98
CA GLN B 6 20.15 -9.68 -41.22
C GLN B 6 21.13 -10.01 -42.34
N SER B 7 21.30 -9.06 -43.25
CA SER B 7 22.18 -9.24 -44.40
C SER B 7 22.83 -7.92 -44.75
N PRO B 8 24.10 -7.92 -45.21
CA PRO B 8 24.96 -9.11 -45.35
C PRO B 8 25.62 -9.51 -44.05
N SER B 9 26.55 -10.48 -44.12
CA SER B 9 27.23 -10.97 -42.93
C SER B 9 28.64 -10.40 -42.77
N SER B 10 29.26 -9.94 -43.84
CA SER B 10 30.59 -9.36 -43.76
C SER B 10 30.75 -8.31 -44.86
N LEU B 11 31.24 -7.13 -44.47
CA LEU B 11 31.43 -6.02 -45.40
C LEU B 11 32.88 -5.60 -45.39
N SER B 12 33.40 -5.32 -46.58
CA SER B 12 34.75 -4.79 -46.76
C SER B 12 34.63 -3.33 -47.21
N ALA B 13 35.05 -2.41 -46.34
CA ALA B 13 34.97 -0.99 -46.62
C ALA B 13 36.24 -0.30 -46.14
N SER B 14 36.55 0.82 -46.78
CA SER B 14 37.72 1.63 -46.46
C SER B 14 37.28 2.92 -45.78
N VAL B 15 38.27 3.73 -45.38
CA VAL B 15 37.99 4.98 -44.69
C VAL B 15 37.26 5.94 -45.61
N GLY B 16 36.28 6.65 -45.06
CA GLY B 16 35.51 7.61 -45.82
C GLY B 16 34.62 7.00 -46.89
N ASP B 17 33.91 5.93 -46.55
CA ASP B 17 32.97 5.29 -47.45
C ASP B 17 31.61 5.22 -46.78
N ARG B 18 30.61 4.79 -47.55
CA ARG B 18 29.24 4.67 -47.08
C ARG B 18 28.88 3.21 -46.89
N VAL B 19 28.25 2.90 -45.76
CA VAL B 19 27.94 1.52 -45.37
C VAL B 19 26.45 1.42 -45.07
N THR B 20 25.81 0.40 -45.63
CA THR B 20 24.38 0.15 -45.42
C THR B 20 24.17 -1.28 -44.96
N ILE B 21 23.36 -1.46 -43.91
CA ILE B 21 23.04 -2.76 -43.37
C ILE B 21 21.52 -2.88 -43.28
N THR B 22 20.97 -4.00 -43.76
CA THR B 22 19.53 -4.20 -43.84
C THR B 22 19.12 -5.38 -42.95
N CYS B 23 18.10 -5.15 -42.13
CA CYS B 23 17.50 -6.19 -41.30
C CYS B 23 16.03 -6.36 -41.71
N ARG B 24 15.64 -7.62 -41.91
CA ARG B 24 14.33 -7.95 -42.48
C ARG B 24 13.55 -8.84 -41.53
N ALA B 25 12.29 -8.50 -41.31
CA ALA B 25 11.41 -9.32 -40.48
C ALA B 25 10.44 -10.12 -41.34
N SER B 26 9.55 -10.85 -40.67
CA SER B 26 8.59 -11.72 -41.35
C SER B 26 7.15 -11.27 -41.15
N GLN B 27 6.70 -11.14 -39.90
CA GLN B 27 5.33 -10.77 -39.60
C GLN B 27 5.21 -9.25 -39.50
N SER B 28 4.07 -8.81 -38.95
CA SER B 28 3.82 -7.40 -38.73
C SER B 28 4.81 -6.81 -37.73
N VAL B 29 5.36 -5.65 -38.07
CA VAL B 29 6.28 -4.94 -37.20
C VAL B 29 5.71 -3.57 -36.83
N SER B 30 4.39 -3.51 -36.59
CA SER B 30 3.75 -2.25 -36.26
C SER B 30 4.30 -1.64 -34.98
N SER B 31 4.97 -2.43 -34.15
CA SER B 31 5.62 -1.91 -32.96
C SER B 31 6.64 -0.84 -33.33
N SER B 32 7.36 -1.07 -34.44
CA SER B 32 8.39 -0.15 -34.92
C SER B 32 9.42 0.12 -33.85
N ALA B 33 9.69 -0.89 -33.01
CA ALA B 33 10.63 -0.78 -31.92
C ALA B 33 11.97 -1.42 -32.25
N VAL B 34 12.39 -1.37 -33.51
CA VAL B 34 13.68 -1.88 -33.94
C VAL B 34 14.79 -0.97 -33.40
N ALA B 35 15.80 -1.57 -32.78
CA ALA B 35 16.93 -0.84 -32.21
C ALA B 35 18.22 -1.44 -32.75
N TRP B 36 19.26 -0.62 -32.85
CA TRP B 36 20.56 -1.05 -33.34
C TRP B 36 21.62 -0.90 -32.26
N TYR B 37 22.56 -1.85 -32.24
CA TYR B 37 23.60 -1.92 -31.22
C TYR B 37 24.95 -2.06 -31.89
N GLN B 38 25.99 -1.68 -31.15
CA GLN B 38 27.38 -1.84 -31.56
C GLN B 38 28.16 -2.53 -30.47
N GLN B 39 28.94 -3.55 -30.85
CA GLN B 39 29.78 -4.27 -29.89
C GLN B 39 31.16 -4.47 -30.48
N LYS B 40 32.17 -4.08 -29.73
CA LYS B 40 33.56 -4.33 -30.09
C LYS B 40 34.07 -5.58 -29.38
N PRO B 41 35.07 -6.27 -29.95
CA PRO B 41 35.47 -7.58 -29.41
C PRO B 41 35.94 -7.54 -27.96
N GLY B 42 35.21 -8.21 -27.09
CA GLY B 42 35.53 -8.24 -25.68
C GLY B 42 34.84 -7.19 -24.83
N LYS B 43 33.78 -6.57 -25.35
CA LYS B 43 33.10 -5.48 -24.65
C LYS B 43 31.60 -5.72 -24.70
N ALA B 44 30.86 -4.87 -23.98
CA ALA B 44 29.40 -4.90 -23.95
C ALA B 44 28.83 -4.00 -25.05
N PRO B 45 27.63 -4.30 -25.54
CA PRO B 45 27.05 -3.52 -26.63
C PRO B 45 26.67 -2.11 -26.22
N LYS B 46 26.59 -1.23 -27.23
CA LYS B 46 26.24 0.18 -27.05
C LYS B 46 25.01 0.48 -27.89
N LEU B 47 24.09 1.26 -27.33
CA LEU B 47 22.88 1.66 -28.06
C LEU B 47 23.19 2.80 -29.04
N LEU B 48 22.66 2.67 -30.25
CA LEU B 48 22.78 3.72 -31.25
C LEU B 48 21.43 4.30 -31.66
N ILE B 49 20.53 3.43 -32.13
CA ILE B 49 19.26 3.86 -32.71
C ILE B 49 18.12 3.19 -31.96
N TYR B 50 17.04 3.95 -31.74
CA TYR B 50 15.85 3.39 -31.12
C TYR B 50 14.63 3.93 -31.86
N SER B 51 13.53 3.19 -31.79
CA SER B 51 12.31 3.46 -32.53
C SER B 51 12.52 3.50 -34.04
N ALA B 52 13.61 2.87 -34.51
CA ALA B 52 13.89 2.64 -35.92
C ALA B 52 14.21 3.90 -36.71
N SER B 53 14.02 5.08 -36.13
CA SER B 53 14.30 6.33 -36.81
C SER B 53 14.89 7.39 -35.88
N SER B 54 15.20 7.03 -34.64
CA SER B 54 15.58 8.04 -33.65
C SER B 54 16.98 7.74 -33.12
N LEU B 55 17.74 8.80 -32.94
CA LEU B 55 19.15 8.72 -32.56
C LEU B 55 19.32 9.03 -31.09
N TYR B 56 20.07 8.17 -30.41
CA TYR B 56 20.22 8.20 -28.96
C TYR B 56 21.08 9.40 -28.55
N SER B 57 21.21 9.61 -27.25
CA SER B 57 21.92 10.77 -26.72
C SER B 57 23.42 10.47 -26.65
N GLY B 58 24.21 11.35 -27.26
CA GLY B 58 25.66 11.24 -27.29
C GLY B 58 26.21 10.57 -28.52
N VAL B 59 25.37 9.90 -29.31
CA VAL B 59 25.80 9.21 -30.52
C VAL B 59 26.10 10.25 -31.60
N PRO B 60 27.18 10.10 -32.37
CA PRO B 60 27.46 11.05 -33.45
C PRO B 60 26.41 10.99 -34.54
N SER B 61 26.38 12.06 -35.35
CA SER B 61 25.34 12.25 -36.35
C SER B 61 25.54 11.37 -37.59
N ARG B 62 26.66 10.66 -37.70
CA ARG B 62 26.90 9.80 -38.86
C ARG B 62 25.89 8.66 -38.97
N PHE B 63 25.31 8.23 -37.85
CA PHE B 63 24.44 7.06 -37.83
C PHE B 63 23.00 7.47 -38.14
N SER B 64 22.31 6.64 -38.92
CA SER B 64 20.93 6.92 -39.32
C SER B 64 20.18 5.62 -39.50
N GLY B 65 18.86 5.69 -39.42
CA GLY B 65 18.02 4.52 -39.63
C GLY B 65 16.75 4.90 -40.36
N SER B 66 16.22 3.95 -41.12
CA SER B 66 15.02 4.16 -41.92
C SER B 66 14.17 2.91 -41.95
N ARG B 67 12.87 3.09 -42.13
CA ARG B 67 11.90 1.98 -42.18
C ARG B 67 11.32 1.90 -43.59
N SER B 68 11.75 0.90 -44.35
CA SER B 68 11.26 0.69 -45.71
C SER B 68 10.18 -0.41 -45.72
N GLY B 69 9.08 -0.11 -45.04
CA GLY B 69 8.05 -1.13 -44.89
C GLY B 69 8.50 -2.18 -43.89
N THR B 70 8.53 -3.44 -44.34
CA THR B 70 9.03 -4.51 -43.49
C THR B 70 10.56 -4.52 -43.40
N ASP B 71 11.25 -3.82 -44.29
CA ASP B 71 12.69 -3.75 -44.26
C ASP B 71 13.16 -2.58 -43.39
N PHE B 72 14.30 -2.79 -42.72
CA PHE B 72 14.90 -1.78 -41.88
C PHE B 72 16.36 -1.64 -42.30
N THR B 73 16.89 -0.42 -42.22
CA THR B 73 18.22 -0.13 -42.74
C THR B 73 18.98 0.78 -41.78
N LEU B 74 20.25 0.48 -41.59
CA LEU B 74 21.20 1.35 -40.91
C LEU B 74 22.16 1.95 -41.93
N THR B 75 22.49 3.23 -41.73
CA THR B 75 23.35 3.94 -42.67
C THR B 75 24.48 4.61 -41.91
N ILE B 76 25.70 4.47 -42.42
CA ILE B 76 26.87 5.18 -41.92
C ILE B 76 27.53 5.88 -43.10
N SER B 77 27.78 7.18 -42.95
CA SER B 77 28.40 7.98 -44.00
C SER B 77 29.77 8.47 -43.53
N SER B 78 30.79 8.22 -44.35
CA SER B 78 32.17 8.61 -44.06
C SER B 78 32.63 8.04 -42.72
N LEU B 79 32.77 6.72 -42.69
CA LEU B 79 33.21 6.00 -41.50
C LEU B 79 34.62 6.42 -41.10
N GLN B 80 34.86 6.46 -39.79
CA GLN B 80 36.15 6.73 -39.21
C GLN B 80 36.79 5.42 -38.73
N PRO B 81 38.11 5.41 -38.49
CA PRO B 81 38.78 4.16 -38.10
C PRO B 81 38.24 3.54 -36.82
N GLU B 82 37.47 4.30 -36.04
CA GLU B 82 36.94 3.84 -34.76
C GLU B 82 35.50 3.30 -34.89
N ASP B 83 35.13 2.84 -36.09
CA ASP B 83 33.78 2.37 -36.35
C ASP B 83 33.71 0.92 -36.82
N PHE B 84 34.80 0.16 -36.73
CA PHE B 84 34.81 -1.22 -37.19
C PHE B 84 34.42 -2.14 -36.03
N ALA B 85 33.19 -2.63 -36.05
CA ALA B 85 32.68 -3.46 -34.96
C ALA B 85 31.64 -4.42 -35.53
N THR B 86 30.82 -5.01 -34.66
CA THR B 86 29.74 -5.90 -35.02
C THR B 86 28.42 -5.30 -34.57
N TYR B 87 27.42 -5.35 -35.45
CA TYR B 87 26.14 -4.67 -35.23
C TYR B 87 24.99 -5.67 -35.19
N TYR B 88 23.97 -5.34 -34.41
CA TYR B 88 22.85 -6.24 -34.20
C TYR B 88 21.54 -5.48 -34.33
N CYS B 89 20.56 -6.09 -34.99
CA CYS B 89 19.21 -5.54 -35.06
C CYS B 89 18.30 -6.30 -34.09
N GLN B 90 17.47 -5.57 -33.37
CA GLN B 90 16.63 -6.11 -32.30
C GLN B 90 15.20 -5.61 -32.44
N GLN B 91 14.24 -6.45 -32.03
CA GLN B 91 12.82 -6.12 -32.09
C GLN B 91 12.16 -6.54 -30.79
N SER B 92 11.25 -5.70 -30.27
CA SER B 92 10.53 -6.01 -29.04
C SER B 92 9.21 -5.25 -28.94
N PRO B 93 8.12 -5.92 -28.60
CA PRO B 93 6.86 -5.24 -28.31
C PRO B 93 6.94 -4.50 -26.97
N PRO B 94 5.89 -3.77 -26.58
CA PRO B 94 5.94 -3.05 -25.29
C PRO B 94 6.24 -3.94 -24.08
N TYR B 95 5.71 -5.17 -24.06
CA TYR B 95 6.03 -6.13 -23.03
C TYR B 95 6.61 -7.44 -23.55
N GLY B 96 6.54 -7.67 -24.87
CA GLY B 96 6.77 -8.98 -25.41
C GLY B 96 8.24 -9.36 -25.41
N PRO B 97 8.52 -10.57 -25.88
CA PRO B 97 9.89 -11.09 -25.83
C PRO B 97 10.82 -10.34 -26.76
N ILE B 98 12.11 -10.37 -26.41
CA ILE B 98 13.14 -9.73 -27.21
C ILE B 98 13.68 -10.72 -28.24
N THR B 99 13.89 -10.23 -29.46
CA THR B 99 14.46 -11.05 -30.53
C THR B 99 15.59 -10.28 -31.18
N PHE B 100 16.74 -10.93 -31.32
CA PHE B 100 17.92 -10.34 -31.94
C PHE B 100 18.11 -10.89 -33.35
N GLY B 101 19.13 -10.38 -34.03
CA GLY B 101 19.48 -10.84 -35.35
C GLY B 101 20.90 -11.34 -35.43
N GLN B 102 21.31 -11.85 -36.60
CA GLN B 102 22.68 -12.33 -36.79
C GLN B 102 23.59 -11.15 -37.08
N GLY B 103 24.66 -11.01 -36.30
CA GLY B 103 25.48 -9.81 -36.40
C GLY B 103 26.20 -9.73 -37.73
N THR B 104 26.60 -8.52 -38.09
CA THR B 104 27.43 -8.26 -39.26
C THR B 104 28.76 -7.65 -38.83
N LYS B 105 29.80 -7.95 -39.59
CA LYS B 105 31.15 -7.49 -39.28
C LYS B 105 31.71 -6.70 -40.45
N VAL B 106 32.42 -5.62 -40.14
CA VAL B 106 33.04 -4.76 -41.14
C VAL B 106 34.56 -4.78 -40.94
N GLU B 107 35.29 -4.90 -42.04
CA GLU B 107 36.74 -4.98 -42.00
C GLU B 107 37.31 -3.77 -42.74
N LEU B 108 38.64 -3.74 -42.90
CA LEU B 108 39.34 -2.57 -43.43
C LEU B 108 40.24 -2.97 -44.60
N LYS B 109 39.66 -2.98 -45.80
CA LYS B 109 40.39 -2.97 -47.07
C LYS B 109 39.41 -3.02 -48.23
N GLU C 1 26.38 7.97 -10.83
CA GLU C 1 26.38 7.27 -12.10
C GLU C 1 25.67 5.93 -11.99
N VAL C 2 24.98 5.53 -13.06
CA VAL C 2 24.32 4.24 -13.08
C VAL C 2 25.36 3.13 -13.19
N GLN C 3 25.26 2.14 -12.30
CA GLN C 3 26.17 1.00 -12.30
C GLN C 3 25.39 -0.28 -12.10
N LEU C 4 25.88 -1.36 -12.68
CA LEU C 4 25.32 -2.70 -12.52
C LEU C 4 26.46 -3.68 -12.30
N VAL C 5 26.55 -4.25 -11.10
CA VAL C 5 27.65 -5.12 -10.70
C VAL C 5 27.12 -6.54 -10.55
N GLU C 6 27.79 -7.49 -11.19
CA GLU C 6 27.32 -8.86 -11.31
C GLU C 6 28.31 -9.82 -10.63
N SER C 7 27.76 -10.85 -9.99
CA SER C 7 28.58 -11.80 -9.25
C SER C 7 27.90 -13.17 -9.25
N GLY C 8 28.72 -14.21 -9.07
CA GLY C 8 28.22 -15.57 -9.05
C GLY C 8 28.41 -16.30 -10.37
N GLY C 9 29.36 -17.22 -10.43
CA GLY C 9 29.60 -17.96 -11.66
C GLY C 9 30.82 -18.85 -11.61
N GLY C 10 30.77 -19.97 -12.32
CA GLY C 10 31.91 -20.87 -12.36
C GLY C 10 31.55 -22.22 -12.96
N LEU C 11 32.31 -23.24 -12.55
CA LEU C 11 32.09 -24.60 -13.01
C LEU C 11 30.99 -25.26 -12.19
N VAL C 12 30.13 -26.01 -12.87
CA VAL C 12 29.08 -26.77 -12.20
C VAL C 12 28.88 -28.09 -12.95
N GLN C 13 28.64 -29.15 -12.18
CA GLN C 13 28.32 -30.45 -12.78
C GLN C 13 27.01 -30.36 -13.55
N PRO C 14 26.91 -31.06 -14.67
CA PRO C 14 25.63 -31.11 -15.38
C PRO C 14 24.53 -31.64 -14.46
N GLY C 15 23.38 -30.98 -14.48
CA GLY C 15 22.35 -31.24 -13.50
C GLY C 15 22.52 -30.50 -12.20
N GLY C 16 23.47 -29.56 -12.13
CA GLY C 16 23.70 -28.79 -10.93
C GLY C 16 22.88 -27.51 -10.89
N SER C 17 23.16 -26.70 -9.87
CA SER C 17 22.44 -25.46 -9.64
C SER C 17 23.43 -24.36 -9.28
N LEU C 18 23.15 -23.14 -9.74
CA LEU C 18 23.98 -21.98 -9.45
C LEU C 18 23.12 -20.73 -9.55
N ARG C 19 23.34 -19.79 -8.63
CA ARG C 19 22.56 -18.57 -8.57
C ARG C 19 23.40 -17.36 -8.99
N LEU C 20 22.74 -16.37 -9.57
CA LEU C 20 23.38 -15.16 -10.06
C LEU C 20 22.80 -13.94 -9.35
N SER C 21 23.61 -12.90 -9.21
CA SER C 21 23.20 -11.67 -8.54
C SER C 21 23.63 -10.47 -9.36
N CYS C 22 22.92 -9.36 -9.17
CA CYS C 22 23.23 -8.10 -9.83
C CYS C 22 22.81 -6.94 -8.94
N ALA C 23 23.77 -6.12 -8.53
CA ALA C 23 23.50 -4.96 -7.69
C ALA C 23 23.44 -3.70 -8.55
N ALA C 24 22.45 -2.86 -8.26
CA ALA C 24 22.19 -1.66 -9.04
C ALA C 24 22.42 -0.41 -8.21
N SER C 25 22.97 0.62 -8.86
CA SER C 25 23.22 1.91 -8.23
C SER C 25 22.76 3.02 -9.16
N GLY C 26 22.22 4.09 -8.57
CA GLY C 26 21.79 5.25 -9.33
C GLY C 26 20.33 5.23 -9.72
N PHE C 27 19.63 4.12 -9.51
CA PHE C 27 18.21 4.03 -9.86
C PHE C 27 17.56 2.98 -8.98
N ASN C 28 16.24 2.99 -8.95
CA ASN C 28 15.45 2.03 -8.19
C ASN C 28 14.96 0.93 -9.10
N VAL C 29 15.13 -0.33 -8.67
CA VAL C 29 14.66 -1.46 -9.46
C VAL C 29 13.14 -1.59 -9.45
N SER C 30 12.44 -0.74 -8.71
CA SER C 30 11.00 -0.79 -8.58
C SER C 30 10.27 -0.05 -9.69
N SER C 31 10.99 0.64 -10.57
CA SER C 31 10.37 1.44 -11.62
C SER C 31 11.03 1.25 -12.98
N SER C 32 11.88 0.25 -13.14
CA SER C 32 12.53 -0.03 -14.41
C SER C 32 12.50 -1.52 -14.69
N TYR C 33 12.66 -1.88 -15.96
CA TYR C 33 12.67 -3.27 -16.37
C TYR C 33 14.10 -3.79 -16.35
N ILE C 34 14.26 -5.04 -15.90
CA ILE C 34 15.57 -5.68 -15.82
C ILE C 34 15.55 -6.93 -16.69
N HIS C 35 16.60 -7.08 -17.50
CA HIS C 35 16.71 -8.17 -18.46
C HIS C 35 17.99 -8.96 -18.23
N TRP C 36 17.96 -10.23 -18.59
CA TRP C 36 19.14 -11.08 -18.61
C TRP C 36 19.37 -11.58 -20.04
N VAL C 37 20.61 -11.45 -20.51
CA VAL C 37 20.99 -11.82 -21.87
C VAL C 37 22.34 -12.53 -21.82
N ARG C 38 22.47 -13.57 -22.64
CA ARG C 38 23.70 -14.36 -22.65
C ARG C 38 24.27 -14.43 -24.06
N GLN C 39 25.54 -14.81 -24.14
CA GLN C 39 26.25 -14.92 -25.42
C GLN C 39 27.16 -16.15 -25.36
N ALA C 40 26.79 -17.18 -26.12
CA ALA C 40 27.62 -18.37 -26.21
C ALA C 40 28.88 -18.07 -27.01
N PRO C 41 29.99 -18.76 -26.73
CA PRO C 41 31.24 -18.48 -27.44
C PRO C 41 31.10 -18.63 -28.94
N GLY C 42 31.57 -17.61 -29.66
CA GLY C 42 31.43 -17.59 -31.11
C GLY C 42 30.00 -17.57 -31.60
N LYS C 43 29.11 -16.90 -30.88
CA LYS C 43 27.69 -16.86 -31.23
C LYS C 43 27.17 -15.44 -31.02
N GLY C 44 25.90 -15.25 -31.33
CA GLY C 44 25.25 -13.96 -31.16
C GLY C 44 24.63 -13.81 -29.79
N LEU C 45 23.71 -12.86 -29.69
CA LEU C 45 23.03 -12.56 -28.44
C LEU C 45 21.72 -13.34 -28.33
N GLU C 46 21.24 -13.50 -27.11
CA GLU C 46 20.04 -14.30 -26.86
C GLU C 46 19.39 -13.84 -25.56
N TRP C 47 18.12 -13.45 -25.64
CA TRP C 47 17.39 -13.01 -24.45
C TRP C 47 16.99 -14.22 -23.60
N VAL C 48 17.03 -14.04 -22.28
CA VAL C 48 16.78 -15.13 -21.33
C VAL C 48 15.49 -14.90 -20.54
N ALA C 49 15.42 -13.81 -19.79
CA ALA C 49 14.27 -13.56 -18.93
C ALA C 49 14.18 -12.06 -18.64
N SER C 50 13.01 -11.65 -18.13
CA SER C 50 12.76 -10.26 -17.78
C SER C 50 11.82 -10.19 -16.59
N ILE C 51 11.86 -9.05 -15.88
CA ILE C 51 11.04 -8.84 -14.69
C ILE C 51 10.61 -7.38 -14.63
N SER C 52 9.40 -7.15 -14.11
CA SER C 52 8.92 -5.81 -13.78
C SER C 52 8.26 -5.86 -12.41
N SER C 53 8.84 -5.14 -11.44
CA SER C 53 8.31 -5.11 -10.09
C SER C 53 7.08 -4.22 -9.93
N TYR C 54 6.96 -3.18 -10.74
CA TYR C 54 5.81 -2.28 -10.65
C TYR C 54 4.52 -2.98 -11.06
N TYR C 55 4.61 -3.94 -11.99
CA TYR C 55 3.44 -4.63 -12.52
C TYR C 55 3.29 -6.05 -12.00
N GLY C 56 4.30 -6.59 -11.32
CA GLY C 56 4.28 -7.99 -10.95
C GLY C 56 4.37 -8.95 -12.12
N TYR C 57 5.11 -8.60 -13.16
CA TYR C 57 5.18 -9.36 -14.39
C TYR C 57 6.54 -10.03 -14.53
N THR C 58 6.54 -11.28 -14.96
CA THR C 58 7.75 -12.06 -15.15
C THR C 58 7.62 -12.88 -16.42
N SER C 59 8.68 -12.91 -17.22
CA SER C 59 8.65 -13.59 -18.52
C SER C 59 9.94 -14.35 -18.74
N TYR C 60 9.85 -15.48 -19.45
CA TYR C 60 11.00 -16.34 -19.73
C TYR C 60 10.99 -16.76 -21.20
N ALA C 61 12.16 -17.18 -21.67
CA ALA C 61 12.29 -17.75 -22.99
C ALA C 61 11.78 -19.19 -23.01
N ASP C 62 11.53 -19.71 -24.21
CA ASP C 62 10.96 -21.04 -24.34
C ASP C 62 11.98 -22.13 -24.00
N SER C 63 13.27 -21.84 -24.18
CA SER C 63 14.30 -22.82 -23.92
C SER C 63 14.57 -23.04 -22.43
N VAL C 64 14.33 -22.03 -21.59
CA VAL C 64 14.68 -22.10 -20.18
C VAL C 64 13.47 -21.77 -19.33
N LYS C 65 12.26 -22.03 -19.86
CA LYS C 65 11.05 -21.56 -19.21
C LYS C 65 10.83 -22.22 -17.85
N GLY C 66 11.02 -23.54 -17.77
CA GLY C 66 10.69 -24.26 -16.57
C GLY C 66 11.81 -24.48 -15.58
N ARG C 67 13.06 -24.16 -15.98
CA ARG C 67 14.22 -24.47 -15.15
C ARG C 67 14.86 -23.25 -14.52
N PHE C 68 14.56 -22.04 -14.99
CA PHE C 68 15.18 -20.83 -14.47
C PHE C 68 14.15 -20.06 -13.65
N THR C 69 14.64 -19.10 -12.87
CA THR C 69 13.77 -18.29 -12.02
C THR C 69 14.39 -16.92 -11.74
N ILE C 70 13.65 -15.85 -12.01
CA ILE C 70 14.12 -14.48 -11.83
C ILE C 70 13.25 -13.81 -10.78
N SER C 71 13.88 -13.11 -9.84
CA SER C 71 13.18 -12.41 -8.78
C SER C 71 13.86 -11.06 -8.54
N ALA C 72 13.41 -10.35 -7.51
CA ALA C 72 13.96 -9.05 -7.19
C ALA C 72 13.79 -8.78 -5.70
N ASP C 73 14.80 -8.15 -5.11
CA ASP C 73 14.80 -7.78 -3.69
C ASP C 73 14.96 -6.26 -3.61
N THR C 74 13.83 -5.56 -3.59
CA THR C 74 13.84 -4.10 -3.66
C THR C 74 14.47 -3.46 -2.43
N SER C 75 14.61 -4.19 -1.32
CA SER C 75 15.22 -3.63 -0.13
C SER C 75 16.71 -3.36 -0.32
N LYS C 76 17.37 -4.15 -1.16
CA LYS C 76 18.80 -4.01 -1.41
C LYS C 76 19.13 -3.58 -2.84
N ASN C 77 18.11 -3.36 -3.68
CA ASN C 77 18.29 -3.09 -5.10
C ASN C 77 19.13 -4.17 -5.77
N THR C 78 18.61 -5.39 -5.72
CA THR C 78 19.30 -6.53 -6.30
C THR C 78 18.30 -7.38 -7.08
N ALA C 79 18.78 -7.98 -8.16
CA ALA C 79 18.01 -8.93 -8.96
C ALA C 79 18.73 -10.26 -8.98
N TYR C 80 17.96 -11.34 -9.06
CA TYR C 80 18.50 -12.69 -8.95
C TYR C 80 18.05 -13.53 -10.13
N LEU C 81 18.80 -14.59 -10.39
CA LEU C 81 18.46 -15.57 -11.42
C LEU C 81 18.92 -16.94 -10.95
N GLN C 82 17.97 -17.78 -10.51
CA GLN C 82 18.26 -19.14 -10.12
C GLN C 82 18.24 -20.06 -11.33
N MET C 83 19.25 -20.93 -11.42
CA MET C 83 19.42 -21.81 -12.58
C MET C 83 19.53 -23.24 -12.07
N ASN C 84 18.59 -24.10 -12.46
CA ASN C 84 18.55 -25.49 -12.00
C ASN C 84 18.58 -26.43 -13.20
N SER C 85 19.07 -27.64 -12.94
CA SER C 85 19.17 -28.70 -13.96
C SER C 85 19.97 -28.22 -15.18
N LEU C 86 21.13 -27.63 -14.90
CA LEU C 86 21.94 -26.97 -15.92
C LEU C 86 22.55 -28.00 -16.85
N ARG C 87 21.95 -28.15 -18.02
CA ARG C 87 22.49 -29.03 -19.05
C ARG C 87 23.74 -28.40 -19.67
N ALA C 88 24.60 -29.27 -20.23
CA ALA C 88 25.93 -28.86 -20.64
C ALA C 88 25.93 -27.78 -21.72
N GLU C 89 24.82 -27.60 -22.43
CA GLU C 89 24.71 -26.59 -23.47
C GLU C 89 24.16 -25.26 -22.94
N ASP C 90 24.42 -24.94 -21.67
CA ASP C 90 23.98 -23.70 -21.06
C ASP C 90 25.17 -22.83 -20.66
N THR C 91 26.31 -23.02 -21.32
CA THR C 91 27.56 -22.33 -20.98
C THR C 91 27.72 -21.11 -21.88
N ALA C 92 27.90 -19.94 -21.26
CA ALA C 92 27.93 -18.67 -21.98
C ALA C 92 28.27 -17.55 -21.00
N VAL C 93 28.47 -16.35 -21.55
CA VAL C 93 28.62 -15.16 -20.73
C VAL C 93 27.26 -14.50 -20.54
N TYR C 94 26.90 -14.25 -19.28
CA TYR C 94 25.56 -13.77 -18.93
C TYR C 94 25.63 -12.28 -18.61
N TYR C 95 24.73 -11.50 -19.21
CA TYR C 95 24.68 -10.05 -19.04
C TYR C 95 23.40 -9.66 -18.33
N CYS C 96 23.46 -8.58 -17.56
CA CYS C 96 22.29 -7.94 -16.99
C CYS C 96 22.18 -6.51 -17.55
N ALA C 97 20.95 -6.04 -17.74
CA ALA C 97 20.73 -4.80 -18.47
C ALA C 97 19.46 -4.13 -17.98
N ARG C 98 19.32 -2.86 -18.34
CA ARG C 98 18.19 -2.01 -17.97
C ARG C 98 17.47 -1.52 -19.22
N GLY C 99 16.15 -1.37 -19.10
CA GLY C 99 15.34 -0.90 -20.20
C GLY C 99 15.28 0.62 -20.29
N TYR C 100 15.03 1.11 -21.50
CA TYR C 100 14.92 2.55 -21.75
C TYR C 100 13.47 2.98 -21.57
N MET C 101 13.21 3.74 -20.51
CA MET C 101 11.88 4.06 -20.04
C MET C 101 11.49 5.49 -20.43
N TYR C 102 10.20 5.76 -20.35
CA TYR C 102 9.68 7.12 -20.50
C TYR C 102 10.00 7.93 -19.25
N SER C 103 10.12 9.24 -19.42
CA SER C 103 10.58 10.10 -18.33
C SER C 103 9.52 10.33 -17.27
N HIS C 104 8.25 10.51 -17.67
CA HIS C 104 7.22 10.95 -16.73
C HIS C 104 6.26 9.85 -16.28
N TRP C 105 6.36 8.64 -16.83
CA TRP C 105 5.55 7.53 -16.33
C TRP C 105 6.24 6.21 -16.65
N VAL C 106 5.65 5.13 -16.16
CA VAL C 106 6.27 3.80 -16.27
C VAL C 106 5.79 3.20 -17.58
N TYR C 107 6.49 3.56 -18.66
CA TYR C 107 6.32 2.97 -19.97
C TYR C 107 7.69 2.70 -20.57
N SER C 108 7.75 1.81 -21.54
CA SER C 108 9.01 1.42 -22.17
C SER C 108 9.00 1.71 -23.66
N TYR C 109 10.20 1.99 -24.17
CA TYR C 109 10.42 2.15 -25.61
C TYR C 109 10.71 0.83 -26.31
N GLY C 110 10.95 -0.24 -25.55
CA GLY C 110 11.31 -1.52 -26.13
C GLY C 110 12.79 -1.72 -26.40
N ALA C 111 13.66 -0.89 -25.84
CA ALA C 111 15.10 -0.98 -26.04
C ALA C 111 15.81 -1.14 -24.70
N ILE C 112 17.13 -1.22 -24.75
CA ILE C 112 17.98 -1.44 -23.58
C ILE C 112 19.01 -0.31 -23.49
N ASP C 113 19.13 0.28 -22.30
CA ASP C 113 20.03 1.41 -22.05
C ASP C 113 21.44 1.00 -21.64
N TYR C 114 21.57 0.38 -20.47
CA TYR C 114 22.85 0.14 -19.84
C TYR C 114 23.09 -1.34 -19.71
N TRP C 115 24.29 -1.78 -20.09
CA TRP C 115 24.67 -3.18 -20.07
C TRP C 115 25.72 -3.39 -18.98
N GLY C 116 25.62 -4.52 -18.29
CA GLY C 116 26.63 -4.88 -17.32
C GLY C 116 27.87 -5.44 -17.99
N GLN C 117 28.88 -5.75 -17.17
CA GLN C 117 30.14 -6.26 -17.72
C GLN C 117 30.01 -7.71 -18.16
N GLY C 118 29.33 -8.54 -17.36
CA GLY C 118 29.16 -9.93 -17.71
C GLY C 118 29.84 -10.89 -16.76
N THR C 119 29.27 -12.10 -16.60
CA THR C 119 29.81 -13.13 -15.74
C THR C 119 29.59 -14.50 -16.41
N LEU C 120 30.70 -15.11 -16.85
CA LEU C 120 30.59 -16.38 -17.57
C LEU C 120 30.27 -17.53 -16.62
N VAL C 121 29.44 -18.44 -17.09
CA VAL C 121 29.02 -19.62 -16.34
C VAL C 121 29.35 -20.84 -17.19
N THR C 122 30.17 -21.74 -16.64
CA THR C 122 30.48 -22.99 -17.32
C THR C 122 29.69 -24.12 -16.69
N VAL C 123 28.81 -24.74 -17.49
CA VAL C 123 27.93 -25.79 -17.00
C VAL C 123 28.39 -27.17 -17.39
N SER C 124 29.50 -27.29 -18.11
CA SER C 124 30.13 -28.58 -18.33
C SER C 124 30.90 -28.98 -17.08
N SER C 125 31.60 -30.12 -17.15
CA SER C 125 32.39 -30.59 -16.02
C SER C 125 33.39 -31.65 -16.46
N ALA C 126 34.03 -32.29 -15.49
CA ALA C 126 35.00 -33.35 -15.76
C ALA C 126 36.11 -32.88 -16.70
#